data_4YMT
#
_entry.id   4YMT
#
_cell.length_a   96.379
_cell.length_b   114.779
_cell.length_c   300.202
_cell.angle_alpha   90.00
_cell.angle_beta   90.00
_cell.angle_gamma   90.00
#
_symmetry.space_group_name_H-M   'C 2 2 21'
#
loop_
_entity.id
_entity.type
_entity.pdbx_description
1 polymer 'ABC-type polar amino acid transport system, ATPase component'
2 polymer 'ABC-type amino acid transport system, permease component'
3 non-polymer ARGININE
4 water water
#
loop_
_entity_poly.entity_id
_entity_poly.type
_entity_poly.pdbx_seq_one_letter_code
_entity_poly.pdbx_strand_id
1 'polypeptide(L)'
;MIFVNDVYKNFGSLEVLKGVTLKVNKGEVVVIIGPSGSGKSTLLRCINLLEEPTKGEVFIDGVKINNGKVNINKVRQKVG
MVFQHFNLFPHLTAIENITLAPVKVKKMNKKEAEELAVDLLAKVGLLDKKDQYPIKLSGGQKQRLAIARALAMQPEVMLF
DEPTSALDPEMVKEVLNVMKQLANEGMTMVVVTHEMGFAREVGDRVIFMDDGVIVEEGTPEEIFYRAKNERTREFLSKIL
;
J,A
2 'polypeptide(L)'
;MTVDFLSMVKYTPLFISGLIMTLKLTFLAVTIGVLMGLFIALMKMSSIKPIKLVASSYIEVIRGTPLLVQLLLIYNGLMQ
FGMNIPAFTAGVSALAINSSAYVAEIIRAGIQAVDPGQNEAARSLGMTHAMAMRYVIIPQAIKNILPALGNEFIVMLKES
AIVSVIGFADLTRQADIIQSVTYRYFEPYIIIAAIYFVMTLTFSKLLSLFERRLRAGDIR
;
C,B
#
# COMPACT_ATOMS: atom_id res chain seq x y z
N MET A 1 -13.95 -30.98 24.50
CA MET A 1 -13.15 -30.65 23.28
C MET A 1 -12.81 -29.16 22.96
N ILE A 2 -13.82 -28.31 22.82
CA ILE A 2 -13.57 -26.86 22.77
C ILE A 2 -14.33 -26.18 23.89
N PHE A 3 -13.64 -25.43 24.73
CA PHE A 3 -14.34 -24.67 25.75
C PHE A 3 -13.76 -23.24 25.89
N VAL A 4 -14.44 -22.28 25.28
CA VAL A 4 -14.13 -20.88 25.47
C VAL A 4 -14.94 -20.41 26.67
N ASN A 5 -14.24 -19.90 27.70
CA ASN A 5 -14.87 -19.65 29.00
C ASN A 5 -14.88 -18.19 29.39
N ASP A 6 -16.03 -17.55 29.18
CA ASP A 6 -16.29 -16.16 29.55
C ASP A 6 -15.17 -15.23 29.10
N VAL A 7 -14.75 -15.28 27.83
CA VAL A 7 -13.62 -14.41 27.48
C VAL A 7 -14.05 -13.00 27.10
N TYR A 8 -13.12 -12.09 27.30
CA TYR A 8 -13.25 -10.71 26.90
C TYR A 8 -12.10 -10.43 25.96
N LYS A 9 -12.31 -9.59 24.96
CA LYS A 9 -11.18 -9.16 24.14
C LYS A 9 -11.28 -7.68 23.85
N ASN A 10 -10.20 -6.96 24.14
CA ASN A 10 -10.08 -5.55 23.82
C ASN A 10 -8.96 -5.31 22.86
N PHE A 11 -9.18 -4.35 21.98
CA PHE A 11 -8.08 -3.77 21.24
C PHE A 11 -8.06 -2.30 21.66
N GLY A 12 -7.26 -2.01 22.68
CA GLY A 12 -7.28 -0.71 23.31
C GLY A 12 -8.68 -0.43 23.86
N SER A 13 -9.21 0.73 23.49
CA SER A 13 -10.53 1.14 23.95
C SER A 13 -11.61 0.37 23.23
N LEU A 14 -11.22 -0.34 22.18
CA LEU A 14 -12.19 -1.10 21.37
C LEU A 14 -12.48 -2.43 22.08
N GLU A 15 -13.64 -2.52 22.71
CA GLU A 15 -14.06 -3.78 23.32
C GLU A 15 -14.70 -4.65 22.25
N VAL A 16 -14.09 -5.78 21.90
CA VAL A 16 -14.65 -6.59 20.84
C VAL A 16 -15.48 -7.78 21.39
N LEU A 17 -14.94 -8.53 22.35
CA LEU A 17 -15.73 -9.56 23.04
C LEU A 17 -15.96 -9.12 24.47
N LYS A 18 -17.19 -9.22 24.95
CA LYS A 18 -17.51 -8.73 26.29
C LYS A 18 -18.14 -9.83 27.13
N GLY A 19 -17.47 -10.97 27.22
CA GLY A 19 -17.94 -12.06 28.04
C GLY A 19 -18.65 -13.07 27.18
N VAL A 20 -17.87 -13.95 26.57
CA VAL A 20 -18.44 -14.90 25.64
C VAL A 20 -18.10 -16.34 26.07
N THR A 21 -19.08 -17.22 26.01
CA THR A 21 -18.83 -18.63 26.33
C THR A 21 -19.31 -19.57 25.22
N LEU A 22 -18.43 -20.47 24.79
CA LEU A 22 -18.75 -21.41 23.73
C LEU A 22 -18.23 -22.82 24.05
N LYS A 23 -19.10 -23.82 24.05
CA LYS A 23 -18.63 -25.22 24.17
C LYS A 23 -18.99 -25.98 22.91
N VAL A 24 -18.01 -26.62 22.27
CA VAL A 24 -18.40 -27.51 21.17
C VAL A 24 -17.71 -28.87 21.28
N ASN A 25 -18.51 -29.92 21.12
CA ASN A 25 -18.06 -31.32 21.23
C ASN A 25 -17.92 -32.03 19.89
N LYS A 26 -17.28 -33.19 19.91
CA LYS A 26 -17.01 -33.93 18.69
C LYS A 26 -18.21 -34.16 17.80
N GLY A 27 -18.08 -33.77 16.53
CA GLY A 27 -19.10 -34.04 15.52
C GLY A 27 -20.16 -32.98 15.31
N GLU A 28 -20.17 -31.96 16.17
CA GLU A 28 -21.06 -30.82 15.96
C GLU A 28 -20.59 -29.97 14.79
N VAL A 29 -21.54 -29.34 14.13
CA VAL A 29 -21.26 -28.26 13.21
C VAL A 29 -21.91 -27.02 13.82
N VAL A 30 -21.11 -26.13 14.38
CA VAL A 30 -21.63 -24.89 14.97
C VAL A 30 -21.44 -23.71 14.01
N VAL A 31 -22.50 -22.93 13.79
CA VAL A 31 -22.40 -21.78 12.88
C VAL A 31 -22.64 -20.46 13.61
N ILE A 32 -21.67 -19.57 13.52
CA ILE A 32 -21.74 -18.26 14.19
C ILE A 32 -21.98 -17.12 13.18
N ILE A 33 -23.06 -16.37 13.43
CA ILE A 33 -23.53 -15.31 12.53
C ILE A 33 -23.78 -14.02 13.29
N GLY A 34 -23.87 -12.93 12.55
CA GLY A 34 -24.07 -11.64 13.17
C GLY A 34 -23.59 -10.58 12.22
N PRO A 35 -23.86 -9.32 12.56
CA PRO A 35 -23.39 -8.15 11.81
C PRO A 35 -21.91 -7.86 12.08
N SER A 36 -21.32 -6.95 11.31
CA SER A 36 -19.94 -6.53 11.53
C SER A 36 -19.84 -5.92 12.90
N GLY A 37 -18.78 -6.25 13.64
CA GLY A 37 -18.67 -5.73 14.99
C GLY A 37 -19.41 -6.59 16.03
N SER A 38 -19.88 -7.77 15.60
CA SER A 38 -20.51 -8.71 16.53
C SER A 38 -19.46 -9.39 17.40
N GLY A 39 -18.25 -9.51 16.85
CA GLY A 39 -17.15 -10.16 17.52
C GLY A 39 -16.99 -11.61 17.15
N LYS A 40 -17.77 -12.11 16.20
CA LYS A 40 -17.77 -13.53 15.88
C LYS A 40 -16.40 -14.05 15.37
N SER A 41 -15.70 -13.25 14.57
CA SER A 41 -14.37 -13.69 14.08
C SER A 41 -13.29 -13.68 15.17
N THR A 42 -13.40 -12.77 16.13
CA THR A 42 -12.42 -12.69 17.20
C THR A 42 -12.62 -13.89 18.16
N LEU A 43 -13.87 -14.27 18.39
CA LEU A 43 -14.19 -15.47 19.15
C LEU A 43 -13.63 -16.71 18.46
N LEU A 44 -13.93 -16.82 17.17
CA LEU A 44 -13.43 -17.96 16.40
C LEU A 44 -11.91 -18.05 16.52
N ARG A 45 -11.24 -16.90 16.46
CA ARG A 45 -9.78 -16.89 16.48
C ARG A 45 -9.16 -17.01 17.88
N CYS A 46 -9.97 -16.90 18.93
CA CYS A 46 -9.49 -17.25 20.26
C CYS A 46 -9.28 -18.78 20.39
N ILE A 47 -10.08 -19.58 19.66
CA ILE A 47 -10.10 -21.02 19.82
C ILE A 47 -8.75 -21.67 19.49
N ASN A 48 -8.04 -21.15 18.50
CA ASN A 48 -6.70 -21.66 18.24
C ASN A 48 -5.65 -20.64 18.64
N LEU A 49 -6.03 -19.69 19.52
CA LEU A 49 -5.13 -18.61 20.00
C LEU A 49 -4.37 -17.75 18.96
N LEU A 50 -4.97 -17.52 17.79
CA LEU A 50 -4.49 -16.44 16.90
C LEU A 50 -4.82 -15.06 17.51
N GLU A 51 -5.72 -15.08 18.49
CA GLU A 51 -6.09 -13.92 19.29
C GLU A 51 -5.99 -14.34 20.75
N GLU A 52 -5.53 -13.45 21.61
CA GLU A 52 -5.46 -13.81 23.01
C GLU A 52 -6.47 -13.07 23.84
N PRO A 53 -7.29 -13.81 24.58
CA PRO A 53 -8.28 -13.17 25.46
C PRO A 53 -7.63 -12.17 26.42
N THR A 54 -8.33 -11.07 26.66
CA THR A 54 -7.94 -10.12 27.69
C THR A 54 -8.25 -10.75 29.05
N LYS A 55 -9.39 -11.40 29.14
CA LYS A 55 -9.79 -12.16 30.32
C LYS A 55 -10.47 -13.44 29.85
N GLY A 56 -10.69 -14.37 30.76
CA GLY A 56 -11.29 -15.65 30.42
C GLY A 56 -10.26 -16.64 29.88
N GLU A 57 -10.68 -17.88 29.70
CA GLU A 57 -9.74 -18.91 29.29
C GLU A 57 -10.28 -19.73 28.11
N VAL A 58 -9.38 -20.39 27.38
CA VAL A 58 -9.85 -21.33 26.39
C VAL A 58 -9.14 -22.68 26.61
N PHE A 59 -9.96 -23.72 26.67
CA PHE A 59 -9.48 -25.08 26.87
C PHE A 59 -9.66 -25.83 25.59
N ILE A 60 -8.65 -26.59 25.16
CA ILE A 60 -8.97 -27.55 24.13
C ILE A 60 -8.55 -28.95 24.60
N ASP A 61 -9.49 -29.86 24.36
CA ASP A 61 -9.43 -31.22 24.86
C ASP A 61 -9.26 -31.19 26.37
N GLY A 62 -9.78 -30.14 27.01
CA GLY A 62 -9.80 -30.12 28.46
C GLY A 62 -8.56 -29.51 29.09
N VAL A 63 -7.53 -29.15 28.31
CA VAL A 63 -6.41 -28.48 28.95
C VAL A 63 -6.36 -27.00 28.49
N LYS A 64 -6.08 -26.11 29.44
CA LYS A 64 -6.02 -24.66 29.23
C LYS A 64 -4.84 -24.22 28.35
N ILE A 65 -5.11 -23.45 27.31
CA ILE A 65 -4.04 -23.15 26.36
C ILE A 65 -3.58 -21.70 26.38
N ASN A 66 -4.27 -20.86 27.15
CA ASN A 66 -3.85 -19.47 27.26
C ASN A 66 -3.33 -19.16 28.67
N ASN A 67 -2.40 -20.00 29.14
CA ASN A 67 -1.76 -19.81 30.44
C ASN A 67 -0.24 -19.85 30.32
N GLY A 68 0.25 -19.95 29.08
CA GLY A 68 1.68 -19.98 28.81
C GLY A 68 2.33 -21.29 29.16
N LYS A 69 1.53 -22.20 29.73
CA LYS A 69 2.03 -23.48 30.21
C LYS A 69 1.73 -24.63 29.25
N VAL A 70 1.80 -24.40 27.94
CA VAL A 70 1.45 -25.43 26.96
C VAL A 70 2.19 -25.25 25.65
N ASN A 71 2.50 -26.35 24.97
CA ASN A 71 3.03 -26.24 23.62
C ASN A 71 1.92 -25.86 22.65
N ILE A 72 1.93 -24.60 22.21
CA ILE A 72 0.80 -24.09 21.44
C ILE A 72 0.85 -24.64 20.02
N ASN A 73 2.04 -25.02 19.53
CA ASN A 73 2.11 -25.57 18.19
C ASN A 73 1.39 -26.91 18.11
N LYS A 74 1.51 -27.70 19.16
CA LYS A 74 0.82 -28.98 19.16
C LYS A 74 -0.69 -28.80 19.32
N VAL A 75 -1.08 -27.73 20.01
CA VAL A 75 -2.47 -27.40 20.10
C VAL A 75 -2.98 -27.03 18.70
N ARG A 76 -2.26 -26.17 17.99
CA ARG A 76 -2.70 -25.76 16.66
C ARG A 76 -2.65 -26.91 15.66
N GLN A 77 -1.83 -27.93 15.92
CA GLN A 77 -1.82 -29.12 15.06
C GLN A 77 -3.19 -29.76 15.02
N LYS A 78 -3.89 -29.72 16.14
CA LYS A 78 -5.21 -30.33 16.30
C LYS A 78 -6.40 -29.50 15.79
N VAL A 79 -6.22 -28.17 15.78
CA VAL A 79 -7.32 -27.22 15.53
C VAL A 79 -7.10 -26.50 14.22
N GLY A 80 -7.75 -26.97 13.15
CA GLY A 80 -7.57 -26.37 11.83
C GLY A 80 -8.17 -24.99 11.65
N MET A 81 -7.62 -24.19 10.72
CA MET A 81 -8.14 -22.85 10.46
C MET A 81 -8.12 -22.51 8.97
N VAL A 82 -9.27 -22.15 8.44
CA VAL A 82 -9.39 -21.75 7.05
C VAL A 82 -9.71 -20.28 7.03
N PHE A 83 -9.04 -19.53 6.20
CA PHE A 83 -9.11 -18.09 6.28
C PHE A 83 -9.91 -17.47 5.17
N GLN A 84 -10.45 -16.29 5.45
CA GLN A 84 -11.29 -15.58 4.50
C GLN A 84 -10.55 -15.17 3.27
N HIS A 85 -9.38 -14.61 3.47
CA HIS A 85 -8.58 -14.24 2.35
C HIS A 85 -7.61 -15.28 2.49
N PHE A 86 -7.60 -16.14 1.52
CA PHE A 86 -7.07 -17.49 1.55
C PHE A 86 -5.62 -17.20 1.82
N ASN A 87 -4.95 -18.01 2.62
CA ASN A 87 -3.61 -17.64 3.01
C ASN A 87 -2.57 -18.56 2.43
N LEU A 88 -2.70 -18.84 1.16
CA LEU A 88 -1.83 -19.75 0.45
C LEU A 88 -0.42 -19.23 0.40
N PHE A 89 0.53 -20.15 0.46
CA PHE A 89 1.96 -19.86 0.30
C PHE A 89 2.30 -19.74 -1.21
N PRO A 90 2.56 -18.51 -1.68
CA PRO A 90 2.71 -18.20 -3.12
C PRO A 90 3.90 -18.87 -3.78
N HIS A 91 5.00 -19.03 -3.02
CA HIS A 91 6.23 -19.57 -3.57
C HIS A 91 6.19 -21.07 -3.71
N LEU A 92 5.14 -21.68 -3.14
CA LEU A 92 4.98 -23.14 -3.15
C LEU A 92 3.83 -23.55 -4.07
N THR A 93 4.01 -24.69 -4.73
CA THR A 93 3.00 -25.19 -5.63
C THR A 93 1.82 -25.76 -4.80
N ALA A 94 0.76 -26.19 -5.47
CA ALA A 94 -0.42 -26.69 -4.75
C ALA A 94 -0.05 -27.81 -3.79
N ILE A 95 0.52 -28.88 -4.35
CA ILE A 95 0.87 -30.08 -3.59
C ILE A 95 1.95 -29.74 -2.55
N GLU A 96 2.85 -28.82 -2.88
CA GLU A 96 3.85 -28.36 -1.91
C GLU A 96 3.15 -27.66 -0.75
N ASN A 97 2.17 -26.83 -1.07
CA ASN A 97 1.35 -26.18 -0.07
C ASN A 97 0.78 -27.19 0.90
N ILE A 98 0.26 -28.29 0.35
CA ILE A 98 -0.35 -29.33 1.16
C ILE A 98 0.65 -30.12 2.03
N THR A 99 1.80 -30.50 1.45
CA THR A 99 2.77 -31.37 2.14
C THR A 99 3.77 -30.65 3.07
N LEU A 100 3.89 -29.34 2.98
CA LEU A 100 4.87 -28.61 3.83
C LEU A 100 4.76 -28.96 5.33
N ALA A 101 3.58 -28.79 5.92
CA ALA A 101 3.43 -29.01 7.35
C ALA A 101 3.48 -30.50 7.75
N PRO A 102 2.83 -31.39 6.97
CA PRO A 102 2.97 -32.79 7.41
C PRO A 102 4.42 -33.26 7.46
N VAL A 103 5.19 -32.92 6.44
CA VAL A 103 6.60 -33.27 6.41
C VAL A 103 7.42 -32.53 7.49
N LYS A 104 7.26 -31.22 7.60
CA LYS A 104 8.07 -30.47 8.53
C LYS A 104 7.56 -30.60 9.99
N VAL A 105 6.26 -30.79 10.17
CA VAL A 105 5.71 -30.82 11.53
C VAL A 105 5.57 -32.22 12.09
N LYS A 106 5.06 -33.14 11.28
CA LYS A 106 4.83 -34.50 11.73
C LYS A 106 6.00 -35.45 11.40
N LYS A 107 6.97 -34.90 10.68
CA LYS A 107 8.12 -35.66 10.18
C LYS A 107 7.65 -36.83 9.31
N MET A 108 6.49 -36.66 8.67
CA MET A 108 5.94 -37.62 7.71
C MET A 108 6.91 -37.78 6.55
N ASN A 109 6.91 -38.94 5.90
CA ASN A 109 7.89 -39.09 4.82
C ASN A 109 7.31 -38.64 3.48
N LYS A 110 8.18 -38.03 2.67
CA LYS A 110 7.85 -37.40 1.39
C LYS A 110 6.84 -38.16 0.54
N LYS A 111 7.07 -39.45 0.34
CA LYS A 111 6.18 -40.28 -0.48
C LYS A 111 4.78 -40.38 0.11
N GLU A 112 4.73 -40.60 1.42
CA GLU A 112 3.46 -40.76 2.14
C GLU A 112 2.68 -39.44 2.15
N ALA A 113 3.42 -38.35 2.36
CA ALA A 113 2.84 -37.03 2.35
C ALA A 113 2.27 -36.73 0.96
N GLU A 114 3.02 -37.09 -0.08
CA GLU A 114 2.56 -36.85 -1.43
C GLU A 114 1.29 -37.66 -1.73
N GLU A 115 1.20 -38.87 -1.17
CA GLU A 115 -0.01 -39.66 -1.40
C GLU A 115 -1.23 -39.03 -0.71
N LEU A 116 -1.00 -38.58 0.53
CA LEU A 116 -2.00 -37.83 1.28
C LEU A 116 -2.50 -36.64 0.46
N ALA A 117 -1.54 -35.87 -0.05
CA ALA A 117 -1.83 -34.69 -0.83
C ALA A 117 -2.62 -35.01 -2.10
N VAL A 118 -2.26 -36.07 -2.83
CA VAL A 118 -2.95 -36.32 -4.10
C VAL A 118 -4.34 -36.84 -3.82
N ASP A 119 -4.50 -37.49 -2.68
CA ASP A 119 -5.82 -37.95 -2.27
C ASP A 119 -6.70 -36.75 -1.95
N LEU A 120 -6.15 -35.78 -1.21
CA LEU A 120 -6.85 -34.55 -0.85
C LEU A 120 -7.14 -33.62 -2.04
N LEU A 121 -6.18 -33.43 -2.93
CA LEU A 121 -6.43 -32.69 -4.16
C LEU A 121 -7.56 -33.37 -4.94
N ALA A 122 -7.54 -34.70 -5.02
CA ALA A 122 -8.63 -35.42 -5.67
C ALA A 122 -9.97 -35.17 -4.99
N LYS A 123 -9.98 -35.20 -3.66
CA LYS A 123 -11.19 -34.99 -2.86
C LYS A 123 -11.82 -33.61 -3.10
N VAL A 124 -11.00 -32.57 -3.13
CA VAL A 124 -11.55 -31.22 -3.30
C VAL A 124 -11.53 -30.77 -4.77
N GLY A 125 -11.34 -31.72 -5.69
CA GLY A 125 -11.42 -31.44 -7.12
C GLY A 125 -10.31 -30.60 -7.75
N LEU A 126 -9.09 -30.73 -7.23
CA LEU A 126 -7.95 -29.95 -7.69
C LEU A 126 -6.79 -30.82 -8.18
N LEU A 127 -7.07 -32.06 -8.55
CA LEU A 127 -6.01 -33.03 -8.86
C LEU A 127 -5.20 -32.57 -10.04
N ASP A 128 -5.89 -31.99 -11.02
CA ASP A 128 -5.29 -31.48 -12.23
C ASP A 128 -4.43 -30.25 -11.99
N LYS A 129 -4.39 -29.76 -10.76
CA LYS A 129 -3.69 -28.51 -10.45
C LYS A 129 -2.48 -28.70 -9.53
N LYS A 130 -2.13 -29.96 -9.27
CA LYS A 130 -1.13 -30.29 -8.26
C LYS A 130 0.19 -29.55 -8.42
N ASP A 131 0.61 -29.30 -9.66
CA ASP A 131 1.89 -28.65 -9.88
C ASP A 131 1.72 -27.20 -10.29
N GLN A 132 0.54 -26.63 -10.02
CA GLN A 132 0.30 -25.23 -10.30
C GLN A 132 0.59 -24.37 -9.08
N TYR A 133 0.94 -23.13 -9.33
CA TYR A 133 1.18 -22.16 -8.27
C TYR A 133 -0.06 -21.36 -7.97
N PRO A 134 -0.16 -20.92 -6.66
CA PRO A 134 -1.36 -20.13 -6.38
C PRO A 134 -1.82 -19.05 -7.37
N ILE A 135 -0.91 -18.26 -7.91
CA ILE A 135 -1.28 -17.19 -8.79
C ILE A 135 -2.27 -17.63 -9.86
N LYS A 136 -2.17 -18.86 -10.31
CA LYS A 136 -2.90 -19.33 -11.45
C LYS A 136 -4.20 -20.00 -11.10
N LEU A 137 -4.71 -19.74 -9.92
CA LEU A 137 -5.91 -20.38 -9.48
C LEU A 137 -7.00 -19.38 -9.28
N SER A 138 -8.24 -19.78 -9.48
CA SER A 138 -9.35 -18.91 -9.16
C SER A 138 -9.59 -18.92 -7.65
N GLY A 139 -10.40 -17.97 -7.18
CA GLY A 139 -10.72 -17.88 -5.76
C GLY A 139 -11.25 -19.18 -5.16
N GLY A 140 -12.18 -19.82 -5.86
CA GLY A 140 -12.75 -21.07 -5.43
C GLY A 140 -11.69 -22.15 -5.32
N GLN A 141 -10.83 -22.21 -6.34
CA GLN A 141 -9.71 -23.16 -6.34
C GLN A 141 -8.75 -22.89 -5.18
N LYS A 142 -8.54 -21.63 -4.87
CA LYS A 142 -7.63 -21.26 -3.78
C LYS A 142 -8.17 -21.71 -2.44
N GLN A 143 -9.45 -21.45 -2.21
CA GLN A 143 -10.00 -21.82 -0.92
C GLN A 143 -10.10 -23.35 -0.79
N ARG A 144 -10.43 -24.03 -1.88
CA ARG A 144 -10.45 -25.47 -1.85
C ARG A 144 -9.03 -26.03 -1.57
N LEU A 145 -8.02 -25.42 -2.18
CA LEU A 145 -6.64 -25.79 -1.92
C LEU A 145 -6.28 -25.64 -0.46
N ALA A 146 -6.56 -24.46 0.09
CA ALA A 146 -6.29 -24.16 1.48
C ALA A 146 -7.01 -25.16 2.40
N ILE A 147 -8.21 -25.61 2.02
CA ILE A 147 -8.94 -26.56 2.85
C ILE A 147 -8.23 -27.92 2.81
N ALA A 148 -7.80 -28.33 1.61
CA ALA A 148 -6.98 -29.53 1.46
C ALA A 148 -5.73 -29.45 2.35
N ARG A 149 -5.08 -28.29 2.34
CA ARG A 149 -3.88 -28.11 3.14
C ARG A 149 -4.21 -28.29 4.63
N ALA A 150 -5.28 -27.67 5.11
CA ALA A 150 -5.63 -27.84 6.52
C ALA A 150 -5.95 -29.31 6.83
N LEU A 151 -6.62 -29.98 5.90
CA LEU A 151 -6.97 -31.38 6.09
C LEU A 151 -5.77 -32.31 6.18
N ALA A 152 -4.70 -31.99 5.45
CA ALA A 152 -3.50 -32.84 5.46
C ALA A 152 -2.83 -33.00 6.83
N MET A 153 -3.14 -32.11 7.78
CA MET A 153 -2.66 -32.23 9.17
C MET A 153 -3.65 -33.02 10.02
N GLN A 154 -4.68 -33.51 9.35
CA GLN A 154 -5.78 -34.24 9.98
C GLN A 154 -6.20 -33.69 11.35
N PRO A 155 -6.74 -32.46 11.39
CA PRO A 155 -7.21 -31.91 12.68
C PRO A 155 -8.47 -32.60 13.21
N GLU A 156 -8.79 -32.38 14.48
CA GLU A 156 -9.96 -32.97 15.10
C GLU A 156 -11.15 -32.03 15.02
N VAL A 157 -10.86 -30.74 14.85
CA VAL A 157 -11.87 -29.74 14.62
C VAL A 157 -11.33 -28.84 13.53
N MET A 158 -12.24 -28.28 12.76
CA MET A 158 -11.87 -27.38 11.71
C MET A 158 -12.58 -26.01 11.87
N LEU A 159 -11.79 -24.93 11.89
CA LEU A 159 -12.34 -23.59 12.02
C LEU A 159 -12.38 -22.88 10.67
N PHE A 160 -13.51 -22.22 10.39
CA PHE A 160 -13.69 -21.53 9.11
C PHE A 160 -14.04 -20.07 9.35
N ASP A 161 -13.16 -19.17 8.92
CA ASP A 161 -13.40 -17.75 9.16
C ASP A 161 -13.88 -17.08 7.89
N GLU A 162 -15.20 -17.08 7.71
CA GLU A 162 -15.83 -16.51 6.51
C GLU A 162 -15.14 -16.96 5.23
N PRO A 163 -15.10 -18.29 5.00
CA PRO A 163 -14.31 -18.87 3.91
C PRO A 163 -14.77 -18.50 2.51
N THR A 164 -15.98 -17.96 2.34
CA THR A 164 -16.44 -17.64 0.98
C THR A 164 -16.74 -16.16 0.70
N SER A 165 -16.60 -15.33 1.73
CA SER A 165 -17.05 -13.94 1.65
C SER A 165 -16.08 -13.06 0.83
N ALA A 166 -14.92 -13.59 0.48
CA ALA A 166 -14.05 -12.90 -0.43
C ALA A 166 -14.12 -13.56 -1.81
N LEU A 167 -15.14 -14.37 -2.06
CA LEU A 167 -15.29 -15.06 -3.35
C LEU A 167 -16.34 -14.42 -4.24
N ASP A 168 -16.15 -14.50 -5.54
CA ASP A 168 -17.15 -14.07 -6.49
C ASP A 168 -18.36 -14.97 -6.32
N PRO A 169 -19.57 -14.44 -6.57
CA PRO A 169 -20.79 -15.21 -6.35
C PRO A 169 -20.79 -16.57 -7.03
N GLU A 170 -20.33 -16.62 -8.29
CA GLU A 170 -20.31 -17.86 -9.07
C GLU A 170 -19.23 -18.79 -8.58
N MET A 171 -18.57 -18.39 -7.51
CA MET A 171 -17.45 -19.13 -6.97
C MET A 171 -17.84 -19.71 -5.61
N VAL A 172 -18.91 -19.19 -5.00
CA VAL A 172 -19.28 -19.62 -3.65
C VAL A 172 -19.68 -21.12 -3.48
N LYS A 173 -20.58 -21.61 -4.32
CA LYS A 173 -21.13 -22.94 -4.13
C LYS A 173 -20.08 -24.06 -4.00
N GLU A 174 -19.09 -24.04 -4.90
CA GLU A 174 -18.10 -25.11 -4.95
C GLU A 174 -17.32 -25.17 -3.64
N VAL A 175 -17.09 -24.03 -2.99
CA VAL A 175 -16.42 -24.08 -1.70
C VAL A 175 -17.38 -24.63 -0.63
N LEU A 176 -18.62 -24.14 -0.60
CA LEU A 176 -19.58 -24.57 0.43
C LEU A 176 -19.84 -26.08 0.33
N ASN A 177 -19.83 -26.59 -0.89
CA ASN A 177 -20.01 -28.03 -1.09
C ASN A 177 -18.89 -28.84 -0.40
N VAL A 178 -17.63 -28.40 -0.51
CA VAL A 178 -16.57 -29.12 0.18
C VAL A 178 -16.83 -29.05 1.67
N MET A 179 -17.23 -27.87 2.15
CA MET A 179 -17.54 -27.73 3.56
C MET A 179 -18.64 -28.71 3.98
N LYS A 180 -19.68 -28.84 3.14
CA LYS A 180 -20.80 -29.69 3.50
C LYS A 180 -20.38 -31.14 3.50
N GLN A 181 -19.49 -31.49 2.57
CA GLN A 181 -19.01 -32.86 2.53
C GLN A 181 -18.32 -33.16 3.86
N LEU A 182 -17.50 -32.20 4.33
CA LEU A 182 -16.84 -32.40 5.61
C LEU A 182 -17.88 -32.62 6.68
N ALA A 183 -18.95 -31.83 6.68
CA ALA A 183 -19.99 -31.97 7.70
C ALA A 183 -20.62 -33.35 7.66
N ASN A 184 -20.84 -33.86 6.44
CA ASN A 184 -21.47 -35.15 6.28
C ASN A 184 -20.57 -36.30 6.72
N GLU A 185 -19.26 -36.07 6.80
CA GLU A 185 -18.34 -37.13 7.18
C GLU A 185 -18.06 -37.08 8.66
N GLY A 186 -18.69 -36.16 9.36
CA GLY A 186 -18.55 -36.13 10.80
C GLY A 186 -17.49 -35.20 11.34
N MET A 187 -16.87 -34.40 10.48
CA MET A 187 -15.85 -33.47 10.95
C MET A 187 -16.43 -32.44 11.90
N THR A 188 -15.73 -32.17 13.00
CA THR A 188 -16.15 -31.10 13.91
C THR A 188 -15.76 -29.74 13.33
N MET A 189 -16.72 -28.82 13.32
CA MET A 189 -16.62 -27.58 12.57
C MET A 189 -17.20 -26.42 13.35
N VAL A 190 -16.46 -25.32 13.34
CA VAL A 190 -17.00 -24.03 13.76
C VAL A 190 -16.84 -23.09 12.56
N VAL A 191 -17.96 -22.57 12.08
CA VAL A 191 -18.00 -21.82 10.82
C VAL A 191 -18.56 -20.45 11.12
N VAL A 192 -17.81 -19.41 10.76
CA VAL A 192 -18.32 -18.05 10.82
C VAL A 192 -18.74 -17.71 9.40
N THR A 193 -20.00 -17.36 9.16
CA THR A 193 -20.42 -17.23 7.75
C THR A 193 -21.58 -16.26 7.55
N HIS A 194 -21.73 -15.86 6.28
CA HIS A 194 -22.87 -15.07 5.86
C HIS A 194 -23.90 -15.96 5.15
N GLU A 195 -23.45 -17.12 4.66
CA GLU A 195 -24.27 -18.03 3.88
C GLU A 195 -25.21 -18.87 4.76
N MET A 196 -26.43 -18.37 4.97
CA MET A 196 -27.39 -18.99 5.87
C MET A 196 -27.95 -20.30 5.33
N GLY A 197 -27.83 -20.50 4.02
CA GLY A 197 -28.26 -21.75 3.43
C GLY A 197 -27.43 -22.90 3.97
N PHE A 198 -26.12 -22.71 4.06
CA PHE A 198 -25.17 -23.67 4.64
C PHE A 198 -25.57 -24.05 6.07
N ALA A 199 -25.83 -23.02 6.87
CA ALA A 199 -26.19 -23.19 8.27
C ALA A 199 -27.47 -23.98 8.34
N ARG A 200 -28.38 -23.73 7.41
CA ARG A 200 -29.61 -24.51 7.42
C ARG A 200 -29.40 -25.95 7.01
N GLU A 201 -28.65 -26.15 5.94
CA GLU A 201 -28.54 -27.47 5.35
C GLU A 201 -27.73 -28.42 6.21
N VAL A 202 -26.85 -27.88 7.04
CA VAL A 202 -25.84 -28.77 7.60
C VAL A 202 -25.42 -28.41 9.03
N GLY A 203 -25.83 -27.24 9.51
CA GLY A 203 -25.44 -26.83 10.84
C GLY A 203 -26.21 -27.62 11.88
N ASP A 204 -25.62 -27.86 13.03
CA ASP A 204 -26.36 -28.45 14.14
C ASP A 204 -26.79 -27.31 15.06
N ARG A 205 -25.94 -26.29 15.22
CA ARG A 205 -26.32 -25.12 16.02
C ARG A 205 -26.05 -23.85 15.24
N VAL A 206 -26.85 -22.83 15.50
CA VAL A 206 -26.58 -21.50 14.99
C VAL A 206 -26.47 -20.57 16.19
N ILE A 207 -25.37 -19.85 16.26
CA ILE A 207 -25.13 -18.87 17.31
C ILE A 207 -25.34 -17.47 16.72
N PHE A 208 -26.20 -16.64 17.31
CA PHE A 208 -26.30 -15.23 16.85
C PHE A 208 -25.63 -14.28 17.84
N MET A 209 -24.62 -13.56 17.33
CA MET A 209 -23.85 -12.59 18.11
C MET A 209 -24.08 -11.15 17.67
N ASP A 210 -23.97 -10.26 18.65
CA ASP A 210 -24.20 -8.85 18.45
C ASP A 210 -23.52 -8.05 19.57
N ASP A 211 -22.79 -7.02 19.18
CA ASP A 211 -22.00 -6.17 20.09
C ASP A 211 -21.20 -6.97 21.13
N GLY A 212 -20.42 -7.94 20.65
CA GLY A 212 -19.43 -8.65 21.46
C GLY A 212 -19.98 -9.65 22.45
N VAL A 213 -21.18 -10.14 22.18
CA VAL A 213 -21.86 -11.02 23.10
C VAL A 213 -22.76 -11.98 22.32
N ILE A 214 -23.00 -13.17 22.84
CA ILE A 214 -23.98 -14.09 22.25
C ILE A 214 -25.36 -13.68 22.74
N VAL A 215 -26.27 -13.35 21.83
CA VAL A 215 -27.58 -12.90 22.33
C VAL A 215 -28.62 -14.01 22.22
N GLU A 216 -28.45 -14.95 21.29
CA GLU A 216 -29.35 -16.12 21.17
C GLU A 216 -28.70 -17.28 20.39
N GLU A 217 -28.95 -18.51 20.83
CA GLU A 217 -28.52 -19.70 20.08
C GLU A 217 -29.59 -20.76 20.11
N GLY A 218 -29.50 -21.68 19.17
CA GLY A 218 -30.50 -22.71 19.02
C GLY A 218 -30.17 -23.46 17.76
N THR A 219 -31.05 -24.38 17.37
CA THR A 219 -30.86 -25.13 16.14
C THR A 219 -31.05 -24.19 14.98
N PRO A 220 -30.60 -24.59 13.78
CA PRO A 220 -30.83 -23.72 12.62
C PRO A 220 -32.31 -23.31 12.49
N GLU A 221 -33.22 -24.26 12.69
CA GLU A 221 -34.65 -24.01 12.49
C GLU A 221 -35.23 -23.09 13.57
N GLU A 222 -34.84 -23.31 14.82
CA GLU A 222 -35.21 -22.40 15.91
C GLU A 222 -34.79 -20.92 15.61
N ILE A 223 -33.55 -20.71 15.18
CA ILE A 223 -33.07 -19.38 14.93
C ILE A 223 -33.70 -18.76 13.69
N PHE A 224 -33.77 -19.51 12.60
CA PHE A 224 -34.22 -18.93 11.32
C PHE A 224 -35.74 -18.80 11.19
N TYR A 225 -36.50 -19.57 11.99
CA TYR A 225 -37.94 -19.58 11.87
C TYR A 225 -38.65 -19.19 13.15
N ARG A 226 -37.99 -19.36 14.30
CA ARG A 226 -38.68 -19.09 15.57
C ARG A 226 -37.82 -18.32 16.57
N ALA A 227 -36.97 -17.42 16.10
CA ALA A 227 -36.10 -16.66 16.99
C ALA A 227 -36.94 -15.88 18.01
N LYS A 228 -36.54 -16.01 19.26
CA LYS A 228 -37.29 -15.44 20.37
C LYS A 228 -36.87 -14.02 20.65
N ASN A 229 -35.63 -13.67 20.27
CA ASN A 229 -35.09 -12.35 20.59
C ASN A 229 -35.32 -11.32 19.49
N GLU A 230 -35.59 -10.11 19.94
CA GLU A 230 -35.87 -8.97 19.06
C GLU A 230 -34.75 -8.72 18.08
N ARG A 231 -33.54 -8.68 18.60
CA ARG A 231 -32.36 -8.36 17.80
C ARG A 231 -32.05 -9.45 16.76
N THR A 232 -32.28 -10.71 17.13
CA THR A 232 -32.10 -11.80 16.20
C THR A 232 -33.05 -11.63 15.00
N ARG A 233 -34.34 -11.40 15.29
CA ARG A 233 -35.35 -11.14 14.26
C ARG A 233 -35.01 -9.93 13.39
N GLU A 234 -34.59 -8.85 14.03
CA GLU A 234 -34.20 -7.66 13.28
C GLU A 234 -33.04 -7.94 12.31
N PHE A 235 -31.96 -8.54 12.81
CA PHE A 235 -30.82 -8.87 11.96
C PHE A 235 -31.24 -9.77 10.79
N LEU A 236 -31.98 -10.82 11.11
CA LEU A 236 -32.41 -11.75 10.08
C LEU A 236 -33.32 -11.07 9.06
N SER A 237 -34.07 -10.07 9.49
CA SER A 237 -34.91 -9.38 8.53
C SER A 237 -34.09 -8.61 7.51
N LYS A 238 -32.96 -8.04 7.91
CA LYS A 238 -32.13 -7.31 6.95
C LYS A 238 -31.37 -8.25 6.04
N ILE A 239 -31.06 -9.42 6.56
CA ILE A 239 -30.13 -10.31 5.90
C ILE A 239 -30.81 -11.43 5.09
N LEU A 240 -31.99 -11.87 5.52
CA LEU A 240 -32.75 -12.91 4.83
C LEU A 240 -33.74 -12.28 3.84
N MET B 1 -31.75 7.41 -26.20
CA MET B 1 -31.01 8.03 -25.09
C MET B 1 -29.56 7.55 -24.88
N ILE B 2 -29.39 6.24 -24.71
CA ILE B 2 -28.07 5.63 -24.68
C ILE B 2 -27.97 4.66 -25.85
N PHE B 3 -26.89 4.78 -26.63
CA PHE B 3 -26.62 3.79 -27.68
C PHE B 3 -25.13 3.44 -27.69
N VAL B 4 -24.79 2.31 -27.09
CA VAL B 4 -23.44 1.79 -27.20
C VAL B 4 -23.42 0.91 -28.42
N ASN B 5 -22.52 1.18 -29.36
CA ASN B 5 -22.57 0.55 -30.67
C ASN B 5 -21.34 -0.27 -31.02
N ASP B 6 -21.46 -1.59 -30.87
CA ASP B 6 -20.39 -2.50 -31.25
C ASP B 6 -19.02 -2.11 -30.68
N VAL B 7 -18.94 -1.81 -29.38
CA VAL B 7 -17.64 -1.36 -28.90
C VAL B 7 -16.73 -2.52 -28.48
N TYR B 8 -15.43 -2.27 -28.58
CA TYR B 8 -14.37 -3.17 -28.16
C TYR B 8 -13.53 -2.46 -27.14
N LYS B 9 -12.99 -3.17 -26.16
CA LYS B 9 -12.07 -2.54 -25.24
C LYS B 9 -10.87 -3.40 -24.92
N ASN B 10 -9.67 -2.82 -25.02
CA ASN B 10 -8.44 -3.50 -24.64
C ASN B 10 -7.71 -2.81 -23.50
N PHE B 11 -7.12 -3.61 -22.63
CA PHE B 11 -6.11 -3.11 -21.71
C PHE B 11 -4.84 -3.89 -21.97
N GLY B 12 -4.02 -3.36 -22.87
CA GLY B 12 -2.86 -4.07 -23.37
C GLY B 12 -3.33 -5.33 -24.07
N SER B 13 -2.74 -6.46 -23.70
CA SER B 13 -3.08 -7.74 -24.32
C SER B 13 -4.43 -8.28 -23.86
N LEU B 14 -4.96 -7.70 -22.79
CA LEU B 14 -6.21 -8.14 -22.16
C LEU B 14 -7.43 -7.61 -22.88
N GLU B 15 -8.11 -8.48 -23.63
CA GLU B 15 -9.36 -8.08 -24.29
C GLU B 15 -10.55 -8.15 -23.33
N VAL B 16 -11.13 -6.99 -23.00
CA VAL B 16 -12.23 -6.94 -22.02
C VAL B 16 -13.60 -6.85 -22.69
N LEU B 17 -13.79 -5.93 -23.63
CA LEU B 17 -15.02 -5.91 -24.44
C LEU B 17 -14.73 -6.30 -25.87
N LYS B 18 -15.53 -7.22 -26.42
CA LYS B 18 -15.28 -7.76 -27.75
C LYS B 18 -16.46 -7.58 -28.70
N GLY B 19 -16.99 -6.36 -28.77
CA GLY B 19 -18.09 -6.11 -29.66
C GLY B 19 -19.38 -6.18 -28.89
N VAL B 20 -19.74 -5.07 -28.28
CA VAL B 20 -20.93 -4.99 -27.43
C VAL B 20 -21.86 -3.86 -27.85
N THR B 21 -23.15 -4.18 -27.95
CA THR B 21 -24.17 -3.19 -28.32
C THR B 21 -25.24 -3.09 -27.25
N LEU B 22 -25.52 -1.88 -26.79
CA LEU B 22 -26.49 -1.68 -25.74
C LEU B 22 -27.40 -0.50 -26.05
N LYS B 23 -28.72 -0.73 -26.07
CA LYS B 23 -29.66 0.37 -26.22
C LYS B 23 -30.54 0.49 -25.01
N VAL B 24 -30.57 1.67 -24.38
CA VAL B 24 -31.51 1.88 -23.29
C VAL B 24 -32.29 3.18 -23.50
N ASN B 25 -33.61 3.07 -23.33
CA ASN B 25 -34.53 4.18 -23.53
C ASN B 25 -34.93 4.81 -22.20
N LYS B 26 -35.47 6.02 -22.25
CA LYS B 26 -35.89 6.74 -21.06
C LYS B 26 -36.85 5.90 -20.22
N GLY B 27 -36.54 5.72 -18.93
CA GLY B 27 -37.45 5.03 -18.02
C GLY B 27 -37.23 3.52 -17.85
N GLU B 28 -36.34 2.93 -18.65
CA GLU B 28 -36.00 1.53 -18.41
C GLU B 28 -35.11 1.37 -17.18
N VAL B 29 -35.26 0.23 -16.52
CA VAL B 29 -34.28 -0.25 -15.55
C VAL B 29 -33.64 -1.52 -16.14
N VAL B 30 -32.40 -1.36 -16.61
CA VAL B 30 -31.64 -2.43 -17.24
C VAL B 30 -30.60 -2.93 -16.25
N VAL B 31 -30.55 -4.24 -16.05
CA VAL B 31 -29.62 -4.86 -15.12
C VAL B 31 -28.63 -5.77 -15.86
N ILE B 32 -27.34 -5.52 -15.67
CA ILE B 32 -26.33 -6.31 -16.36
C ILE B 32 -25.64 -7.23 -15.36
N ILE B 33 -25.65 -8.54 -15.67
CA ILE B 33 -25.13 -9.57 -14.79
C ILE B 33 -24.10 -10.46 -15.50
N GLY B 34 -23.34 -11.20 -14.72
CA GLY B 34 -22.31 -12.06 -15.30
C GLY B 34 -21.21 -12.34 -14.30
N PRO B 35 -20.32 -13.29 -14.63
CA PRO B 35 -19.17 -13.65 -13.78
C PRO B 35 -18.08 -12.59 -13.87
N SER B 36 -17.04 -12.70 -13.05
CA SER B 36 -15.89 -11.82 -13.20
C SER B 36 -15.20 -12.07 -14.52
N GLY B 37 -14.79 -11.00 -15.20
CA GLY B 37 -14.18 -11.12 -16.50
C GLY B 37 -15.21 -11.11 -17.62
N SER B 38 -16.47 -10.84 -17.27
CA SER B 38 -17.52 -10.71 -18.28
C SER B 38 -17.44 -9.38 -19.05
N GLY B 39 -16.90 -8.36 -18.38
CA GLY B 39 -16.78 -7.04 -18.98
C GLY B 39 -17.93 -6.10 -18.65
N LYS B 40 -18.84 -6.52 -17.77
CA LYS B 40 -20.04 -5.74 -17.50
C LYS B 40 -19.75 -4.34 -16.93
N SER B 41 -18.74 -4.22 -16.07
CA SER B 41 -18.43 -2.90 -15.51
C SER B 41 -17.74 -1.98 -16.52
N THR B 42 -16.96 -2.55 -17.44
CA THR B 42 -16.30 -1.72 -18.44
C THR B 42 -17.36 -1.21 -19.43
N LEU B 43 -18.34 -2.06 -19.72
CA LEU B 43 -19.48 -1.65 -20.53
C LEU B 43 -20.15 -0.50 -19.82
N LEU B 44 -20.44 -0.70 -18.53
CA LEU B 44 -21.07 0.36 -17.75
C LEU B 44 -20.31 1.69 -17.85
N ARG B 45 -18.99 1.63 -17.73
CA ARG B 45 -18.16 2.84 -17.67
C ARG B 45 -17.85 3.44 -19.03
N CYS B 46 -18.21 2.74 -20.09
CA CYS B 46 -18.17 3.34 -21.42
C CYS B 46 -19.29 4.38 -21.60
N ILE B 47 -20.39 4.22 -20.87
CA ILE B 47 -21.55 5.06 -21.07
C ILE B 47 -21.27 6.53 -20.71
N ASN B 48 -20.52 6.79 -19.63
CA ASN B 48 -20.13 8.16 -19.29
C ASN B 48 -18.64 8.41 -19.54
N LEU B 49 -18.04 7.59 -20.39
CA LEU B 49 -16.64 7.70 -20.80
C LEU B 49 -15.59 7.73 -19.68
N LEU B 50 -15.84 7.06 -18.55
CA LEU B 50 -14.78 6.79 -17.58
C LEU B 50 -13.83 5.75 -18.17
N GLU B 51 -14.28 5.08 -19.20
CA GLU B 51 -13.44 4.18 -19.96
C GLU B 51 -13.67 4.54 -21.42
N GLU B 52 -12.63 4.44 -22.24
CA GLU B 52 -12.72 4.82 -23.64
C GLU B 52 -12.69 3.63 -24.56
N PRO B 53 -13.73 3.50 -25.39
CA PRO B 53 -13.76 2.41 -26.37
C PRO B 53 -12.54 2.42 -27.30
N THR B 54 -11.96 1.24 -27.50
CA THR B 54 -10.90 1.06 -28.48
C THR B 54 -11.46 1.12 -29.90
N LYS B 55 -12.63 0.52 -30.10
CA LYS B 55 -13.38 0.60 -31.36
C LYS B 55 -14.87 0.75 -31.06
N GLY B 56 -15.65 1.10 -32.07
CA GLY B 56 -17.08 1.26 -31.91
C GLY B 56 -17.39 2.62 -31.33
N GLU B 57 -18.66 2.95 -31.22
CA GLU B 57 -19.05 4.28 -30.78
C GLU B 57 -20.06 4.24 -29.65
N VAL B 58 -20.14 5.32 -28.87
CA VAL B 58 -21.24 5.48 -27.92
C VAL B 58 -21.91 6.87 -28.09
N PHE B 59 -23.23 6.84 -28.26
CA PHE B 59 -24.08 8.02 -28.44
C PHE B 59 -24.91 8.27 -27.19
N ILE B 60 -24.99 9.51 -26.73
CA ILE B 60 -26.03 9.85 -25.76
C ILE B 60 -26.86 11.05 -26.23
N ASP B 61 -28.18 10.90 -26.09
CA ASP B 61 -29.15 11.85 -26.62
C ASP B 61 -28.96 12.09 -28.12
N GLY B 62 -28.45 11.07 -28.81
CA GLY B 62 -28.30 11.06 -30.24
C GLY B 62 -26.97 11.57 -30.77
N VAL B 63 -26.11 12.12 -29.91
CA VAL B 63 -24.79 12.59 -30.36
C VAL B 63 -23.63 11.75 -29.82
N LYS B 64 -22.69 11.47 -30.70
CA LYS B 64 -21.50 10.68 -30.41
C LYS B 64 -20.55 11.40 -29.46
N ILE B 65 -20.12 10.72 -28.40
CA ILE B 65 -19.27 11.32 -27.37
C ILE B 65 -17.87 10.77 -27.27
N ASN B 66 -17.53 9.79 -28.09
CA ASN B 66 -16.14 9.31 -28.10
C ASN B 66 -15.40 9.66 -29.40
N ASN B 67 -15.47 10.94 -29.79
CA ASN B 67 -14.76 11.42 -30.98
C ASN B 67 -14.02 12.74 -30.71
N GLY B 68 -14.03 13.19 -29.46
CA GLY B 68 -13.35 14.42 -29.10
C GLY B 68 -14.06 15.70 -29.54
N LYS B 69 -15.16 15.56 -30.25
CA LYS B 69 -15.85 16.73 -30.81
C LYS B 69 -17.02 17.16 -29.93
N VAL B 70 -16.84 17.03 -28.61
CA VAL B 70 -17.92 17.28 -27.68
C VAL B 70 -17.37 17.72 -26.32
N ASN B 71 -18.09 18.59 -25.63
CA ASN B 71 -17.80 18.93 -24.24
C ASN B 71 -18.23 17.78 -23.32
N ILE B 72 -17.27 17.05 -22.77
CA ILE B 72 -17.59 15.82 -22.04
C ILE B 72 -18.15 16.08 -20.63
N ASN B 73 -17.82 17.23 -20.06
CA ASN B 73 -18.32 17.58 -18.72
C ASN B 73 -19.82 17.78 -18.77
N LYS B 74 -20.26 18.33 -19.88
CA LYS B 74 -21.66 18.59 -20.09
C LYS B 74 -22.35 17.24 -20.29
N VAL B 75 -21.65 16.28 -20.85
CA VAL B 75 -22.21 14.95 -21.00
C VAL B 75 -22.39 14.26 -19.64
N ARG B 76 -21.33 14.27 -18.82
CA ARG B 76 -21.37 13.63 -17.52
C ARG B 76 -22.35 14.28 -16.56
N GLN B 77 -22.71 15.53 -16.84
CA GLN B 77 -23.75 16.21 -16.07
C GLN B 77 -25.08 15.47 -16.18
N LYS B 78 -25.31 14.86 -17.33
CA LYS B 78 -26.54 14.13 -17.59
C LYS B 78 -26.50 12.67 -17.11
N VAL B 79 -25.30 12.11 -17.02
CA VAL B 79 -25.14 10.67 -16.76
C VAL B 79 -24.48 10.39 -15.41
N GLY B 80 -25.30 10.18 -14.37
CA GLY B 80 -24.77 9.94 -13.04
C GLY B 80 -24.07 8.59 -12.92
N MET B 81 -23.17 8.48 -11.96
CA MET B 81 -22.43 7.24 -11.76
C MET B 81 -22.27 6.93 -10.26
N VAL B 82 -22.68 5.74 -9.87
CA VAL B 82 -22.56 5.32 -8.47
C VAL B 82 -21.54 4.20 -8.37
N PHE B 83 -20.59 4.36 -7.45
CA PHE B 83 -19.38 3.53 -7.43
C PHE B 83 -19.41 2.42 -6.37
N GLN B 84 -18.76 1.30 -6.68
CA GLN B 84 -18.66 0.20 -5.75
C GLN B 84 -18.08 0.67 -4.43
N HIS B 85 -16.95 1.31 -4.49
CA HIS B 85 -16.34 1.76 -3.29
C HIS B 85 -16.65 3.19 -3.48
N PHE B 86 -17.16 3.78 -2.44
CA PHE B 86 -18.13 4.84 -2.50
C PHE B 86 -17.64 6.11 -3.17
N ASN B 87 -16.37 6.42 -2.98
CA ASN B 87 -15.78 7.61 -3.56
C ASN B 87 -16.37 8.88 -3.03
N LEU B 88 -16.68 8.87 -1.75
CA LEU B 88 -17.04 10.08 -1.02
C LEU B 88 -15.81 10.96 -0.85
N PHE B 89 -16.02 12.27 -0.90
CA PHE B 89 -14.95 13.25 -0.65
C PHE B 89 -14.71 13.40 0.83
N PRO B 90 -13.55 12.91 1.31
CA PRO B 90 -13.30 12.77 2.76
C PRO B 90 -13.29 14.11 3.48
N HIS B 91 -12.74 15.14 2.84
CA HIS B 91 -12.55 16.45 3.47
C HIS B 91 -13.80 17.26 3.51
N LEU B 92 -14.83 16.81 2.81
CA LEU B 92 -16.09 17.53 2.75
C LEU B 92 -17.10 16.78 3.56
N THR B 93 -17.98 17.52 4.21
CA THR B 93 -19.02 16.94 5.04
C THR B 93 -20.15 16.37 4.14
N ALA B 94 -21.16 15.72 4.74
CA ALA B 94 -22.26 15.12 3.98
C ALA B 94 -22.89 16.11 3.00
N ILE B 95 -23.40 17.20 3.58
CA ILE B 95 -24.06 18.24 2.83
C ILE B 95 -23.12 18.94 1.87
N GLU B 96 -21.87 19.13 2.27
CA GLU B 96 -20.86 19.72 1.36
C GLU B 96 -20.57 18.81 0.17
N ASN B 97 -20.44 17.52 0.46
CA ASN B 97 -20.32 16.50 -0.58
C ASN B 97 -21.45 16.66 -1.60
N ILE B 98 -22.68 16.87 -1.11
CA ILE B 98 -23.84 16.98 -2.00
C ILE B 98 -23.87 18.29 -2.82
N THR B 99 -23.56 19.41 -2.18
CA THR B 99 -23.70 20.72 -2.83
C THR B 99 -22.52 21.12 -3.73
N LEU B 100 -21.37 20.46 -3.57
CA LEU B 100 -20.17 20.86 -4.33
C LEU B 100 -20.40 21.04 -5.83
N ALA B 101 -20.91 20.02 -6.50
CA ALA B 101 -21.05 20.10 -7.96
C ALA B 101 -22.18 21.05 -8.42
N PRO B 102 -23.35 21.03 -7.77
CA PRO B 102 -24.36 21.99 -8.23
C PRO B 102 -23.91 23.44 -8.14
N VAL B 103 -23.28 23.80 -7.03
CA VAL B 103 -22.78 25.16 -6.84
C VAL B 103 -21.68 25.48 -7.85
N LYS B 104 -20.68 24.60 -7.93
CA LYS B 104 -19.52 24.85 -8.79
C LYS B 104 -19.74 24.58 -10.28
N VAL B 105 -20.63 23.65 -10.63
CA VAL B 105 -20.86 23.32 -12.04
C VAL B 105 -22.11 23.99 -12.62
N LYS B 106 -23.21 24.02 -11.86
CA LYS B 106 -24.48 24.60 -12.33
C LYS B 106 -24.63 26.05 -11.90
N LYS B 107 -23.67 26.53 -11.13
CA LYS B 107 -23.68 27.89 -10.59
C LYS B 107 -24.92 28.16 -9.74
N MET B 108 -25.48 27.11 -9.16
CA MET B 108 -26.54 27.26 -8.18
C MET B 108 -26.01 27.99 -6.96
N ASN B 109 -26.90 28.71 -6.26
CA ASN B 109 -26.47 29.48 -5.11
C ASN B 109 -26.55 28.69 -3.82
N LYS B 110 -25.64 28.99 -2.89
CA LYS B 110 -25.54 28.28 -1.62
C LYS B 110 -26.89 27.95 -0.98
N LYS B 111 -27.79 28.92 -0.87
CA LYS B 111 -29.08 28.64 -0.23
C LYS B 111 -29.93 27.59 -0.97
N GLU B 112 -30.04 27.75 -2.28
CA GLU B 112 -30.85 26.85 -3.09
C GLU B 112 -30.23 25.45 -3.07
N ALA B 113 -28.89 25.44 -3.16
CA ALA B 113 -28.15 24.20 -3.12
C ALA B 113 -28.30 23.49 -1.79
N GLU B 114 -28.26 24.23 -0.68
CA GLU B 114 -28.43 23.61 0.62
C GLU B 114 -29.85 23.07 0.83
N GLU B 115 -30.83 23.74 0.26
CA GLU B 115 -32.22 23.28 0.36
C GLU B 115 -32.42 21.98 -0.42
N LEU B 116 -31.82 21.93 -1.62
CA LEU B 116 -31.76 20.73 -2.42
C LEU B 116 -31.12 19.58 -1.62
N ALA B 117 -29.96 19.89 -1.04
CA ALA B 117 -29.19 18.91 -0.29
C ALA B 117 -29.94 18.34 0.88
N VAL B 118 -30.65 19.18 1.63
CA VAL B 118 -31.35 18.66 2.80
C VAL B 118 -32.59 17.90 2.34
N ASP B 119 -33.13 18.24 1.18
CA ASP B 119 -34.23 17.44 0.69
C ASP B 119 -33.76 16.03 0.32
N LEU B 120 -32.64 15.96 -0.38
CA LEU B 120 -32.11 14.67 -0.76
C LEU B 120 -31.68 13.86 0.47
N LEU B 121 -31.01 14.51 1.43
CA LEU B 121 -30.63 13.83 2.67
C LEU B 121 -31.88 13.24 3.35
N ALA B 122 -32.98 14.00 3.39
CA ALA B 122 -34.23 13.48 3.93
C ALA B 122 -34.69 12.24 3.15
N LYS B 123 -34.61 12.33 1.82
CA LYS B 123 -35.04 11.26 0.94
C LYS B 123 -34.31 9.93 1.17
N VAL B 124 -32.99 9.96 1.33
CA VAL B 124 -32.24 8.73 1.53
C VAL B 124 -32.01 8.43 3.01
N GLY B 125 -32.73 9.13 3.88
CA GLY B 125 -32.62 8.88 5.31
C GLY B 125 -31.34 9.32 6.02
N LEU B 126 -30.74 10.41 5.57
CA LEU B 126 -29.46 10.86 6.13
C LEU B 126 -29.45 12.27 6.73
N LEU B 127 -30.62 12.78 7.11
CA LEU B 127 -30.70 14.18 7.58
C LEU B 127 -29.88 14.41 8.84
N ASP B 128 -29.89 13.43 9.74
CA ASP B 128 -29.16 13.54 11.00
C ASP B 128 -27.65 13.52 10.81
N LYS B 129 -27.20 13.34 9.58
CA LYS B 129 -25.77 13.21 9.28
C LYS B 129 -25.23 14.36 8.46
N LYS B 130 -26.06 15.38 8.23
CA LYS B 130 -25.72 16.43 7.26
C LYS B 130 -24.35 17.08 7.52
N ASP B 131 -23.96 17.20 8.79
CA ASP B 131 -22.70 17.87 9.10
C ASP B 131 -21.62 16.89 9.55
N GLN B 132 -21.84 15.63 9.25
CA GLN B 132 -20.88 14.60 9.59
C GLN B 132 -19.93 14.38 8.42
N TYR B 133 -18.76 13.83 8.70
CA TYR B 133 -17.80 13.56 7.66
C TYR B 133 -17.87 12.11 7.31
N PRO B 134 -17.56 11.82 5.98
CA PRO B 134 -17.66 10.40 5.64
C PRO B 134 -17.07 9.38 6.58
N ILE B 135 -15.90 9.61 7.12
CA ILE B 135 -15.26 8.61 7.94
C ILE B 135 -16.19 8.13 9.04
N LYS B 136 -17.26 8.84 9.28
CA LYS B 136 -18.11 8.51 10.40
C LYS B 136 -19.36 7.75 10.02
N LEU B 137 -19.51 7.47 8.74
CA LEU B 137 -20.68 6.80 8.27
C LEU B 137 -20.43 5.34 8.06
N SER B 138 -21.47 4.54 8.19
CA SER B 138 -21.44 3.13 7.85
C SER B 138 -21.43 2.94 6.34
N GLY B 139 -21.16 1.74 5.88
CA GLY B 139 -21.18 1.44 4.46
C GLY B 139 -22.48 1.83 3.77
N GLY B 140 -23.61 1.43 4.37
CA GLY B 140 -24.92 1.77 3.85
C GLY B 140 -25.15 3.28 3.78
N GLN B 141 -24.77 3.98 4.85
CA GLN B 141 -24.88 5.44 4.88
C GLN B 141 -23.98 6.07 3.82
N LYS B 142 -22.83 5.46 3.61
CA LYS B 142 -21.91 5.99 2.61
C LYS B 142 -22.55 5.91 1.24
N GLN B 143 -23.09 4.74 0.90
CA GLN B 143 -23.63 4.59 -0.43
C GLN B 143 -24.89 5.42 -0.62
N ARG B 144 -25.70 5.51 0.42
CA ARG B 144 -26.88 6.36 0.34
C ARG B 144 -26.49 7.84 0.17
N LEU B 145 -25.44 8.28 0.86
CA LEU B 145 -24.91 9.63 0.67
C LEU B 145 -24.43 9.86 -0.77
N ALA B 146 -23.67 8.91 -1.33
CA ALA B 146 -23.19 9.04 -2.71
C ALA B 146 -24.36 9.11 -3.69
N ILE B 147 -25.43 8.38 -3.39
CA ILE B 147 -26.61 8.41 -4.27
C ILE B 147 -27.28 9.78 -4.15
N ALA B 148 -27.38 10.30 -2.91
CA ALA B 148 -27.90 11.66 -2.72
C ALA B 148 -27.10 12.67 -3.55
N ARG B 149 -25.78 12.54 -3.48
CA ARG B 149 -24.88 13.43 -4.19
C ARG B 149 -25.11 13.37 -5.69
N ALA B 150 -25.19 12.16 -6.25
CA ALA B 150 -25.41 12.07 -7.70
C ALA B 150 -26.76 12.66 -8.11
N LEU B 151 -27.79 12.45 -7.28
CA LEU B 151 -29.12 12.98 -7.60
C LEU B 151 -29.10 14.50 -7.60
N ALA B 152 -28.31 15.11 -6.72
CA ALA B 152 -28.22 16.59 -6.65
C ALA B 152 -27.82 17.25 -7.98
N MET B 153 -27.26 16.48 -8.91
CA MET B 153 -26.96 17.00 -10.24
C MET B 153 -28.07 16.75 -11.26
N GLN B 154 -29.20 16.24 -10.76
CA GLN B 154 -30.36 15.88 -11.58
C GLN B 154 -30.04 15.24 -12.93
N PRO B 155 -29.40 14.07 -12.90
CA PRO B 155 -29.12 13.41 -14.19
C PRO B 155 -30.39 12.80 -14.79
N GLU B 156 -30.30 12.46 -16.07
CA GLU B 156 -31.42 11.86 -16.78
C GLU B 156 -31.32 10.34 -16.76
N VAL B 157 -30.12 9.83 -16.48
CA VAL B 157 -29.87 8.41 -16.26
C VAL B 157 -28.91 8.25 -15.08
N MET B 158 -29.02 7.13 -14.38
CA MET B 158 -28.15 6.80 -13.26
C MET B 158 -27.44 5.48 -13.58
N LEU B 159 -26.12 5.48 -13.50
CA LEU B 159 -25.36 4.26 -13.65
C LEU B 159 -24.92 3.74 -12.26
N PHE B 160 -25.07 2.44 -12.04
CA PHE B 160 -24.67 1.82 -10.78
C PHE B 160 -23.68 0.69 -11.01
N ASP B 161 -22.45 0.85 -10.53
CA ASP B 161 -21.42 -0.15 -10.70
C ASP B 161 -21.19 -0.93 -9.39
N GLU B 162 -21.96 -2.01 -9.24
CA GLU B 162 -21.96 -2.89 -8.04
C GLU B 162 -22.07 -2.12 -6.72
N PRO B 163 -23.17 -1.37 -6.54
CA PRO B 163 -23.29 -0.43 -5.44
C PRO B 163 -23.38 -1.07 -4.08
N THR B 164 -23.67 -2.37 -4.00
CA THR B 164 -23.80 -3.03 -2.69
C THR B 164 -22.76 -4.13 -2.46
N SER B 165 -21.91 -4.37 -3.45
CA SER B 165 -21.03 -5.54 -3.36
C SER B 165 -19.84 -5.32 -2.39
N ALA B 166 -19.64 -4.09 -1.91
CA ALA B 166 -18.66 -3.85 -0.86
C ALA B 166 -19.32 -3.57 0.51
N LEU B 167 -20.60 -3.89 0.65
CA LEU B 167 -21.30 -3.63 1.90
C LEU B 167 -21.52 -4.92 2.69
N ASP B 168 -21.54 -4.79 4.00
CA ASP B 168 -21.88 -5.89 4.86
C ASP B 168 -23.32 -6.31 4.58
N PRO B 169 -23.61 -7.61 4.73
CA PRO B 169 -24.92 -8.15 4.40
C PRO B 169 -26.09 -7.37 5.03
N GLU B 170 -25.94 -6.86 6.26
CA GLU B 170 -27.02 -6.14 6.95
C GLU B 170 -27.22 -4.74 6.43
N MET B 171 -26.47 -4.40 5.40
CA MET B 171 -26.40 -3.06 4.86
C MET B 171 -26.91 -2.98 3.44
N VAL B 172 -26.98 -4.13 2.80
CA VAL B 172 -27.40 -4.19 1.40
C VAL B 172 -28.83 -3.68 1.16
N LYS B 173 -29.80 -4.13 1.96
CA LYS B 173 -31.21 -3.80 1.72
C LYS B 173 -31.45 -2.31 1.61
N GLU B 174 -30.86 -1.54 2.52
CA GLU B 174 -31.17 -0.10 2.55
C GLU B 174 -30.71 0.63 1.27
N VAL B 175 -29.58 0.21 0.73
CA VAL B 175 -29.11 0.80 -0.50
C VAL B 175 -30.01 0.34 -1.64
N LEU B 176 -30.32 -0.97 -1.67
CA LEU B 176 -31.21 -1.50 -2.71
C LEU B 176 -32.61 -0.85 -2.68
N ASN B 177 -33.08 -0.53 -1.49
CA ASN B 177 -34.35 0.15 -1.29
C ASN B 177 -34.33 1.53 -1.90
N VAL B 178 -33.25 2.29 -1.67
CA VAL B 178 -33.21 3.60 -2.29
C VAL B 178 -33.22 3.44 -3.82
N MET B 179 -32.47 2.46 -4.32
CA MET B 179 -32.46 2.20 -5.76
C MET B 179 -33.87 1.87 -6.34
N LYS B 180 -34.62 1.05 -5.60
CA LYS B 180 -35.94 0.63 -6.06
C LYS B 180 -36.88 1.81 -6.04
N GLN B 181 -36.68 2.70 -5.06
CA GLN B 181 -37.50 3.90 -5.02
C GLN B 181 -37.26 4.71 -6.27
N LEU B 182 -35.98 4.85 -6.66
CA LEU B 182 -35.67 5.57 -7.88
C LEU B 182 -36.36 4.91 -9.09
N ALA B 183 -36.32 3.58 -9.16
CA ALA B 183 -36.93 2.83 -10.28
C ALA B 183 -38.45 3.05 -10.34
N ASN B 184 -39.08 3.05 -9.17
CA ASN B 184 -40.51 3.27 -9.05
C ASN B 184 -40.93 4.70 -9.46
N GLU B 185 -39.98 5.63 -9.41
CA GLU B 185 -40.24 7.02 -9.78
C GLU B 185 -39.92 7.30 -11.22
N GLY B 186 -39.54 6.27 -11.97
CA GLY B 186 -39.30 6.46 -13.39
C GLY B 186 -37.89 6.78 -13.80
N MET B 187 -36.96 6.77 -12.84
CA MET B 187 -35.57 7.07 -13.18
C MET B 187 -34.98 6.01 -14.13
N THR B 188 -34.27 6.47 -15.16
CA THR B 188 -33.61 5.58 -16.10
C THR B 188 -32.36 5.08 -15.41
N MET B 189 -32.15 3.77 -15.42
CA MET B 189 -31.11 3.13 -14.62
C MET B 189 -30.43 1.99 -15.38
N VAL B 190 -29.10 1.98 -15.35
CA VAL B 190 -28.34 0.81 -15.78
C VAL B 190 -27.53 0.38 -14.55
N VAL B 191 -27.77 -0.85 -14.13
CA VAL B 191 -27.28 -1.37 -12.86
C VAL B 191 -26.51 -2.63 -13.10
N VAL B 192 -25.25 -2.64 -12.68
CA VAL B 192 -24.45 -3.86 -12.66
C VAL B 192 -24.43 -4.36 -11.23
N THR B 193 -24.91 -5.59 -11.01
CA THR B 193 -25.11 -6.06 -9.65
C THR B 193 -25.01 -7.57 -9.50
N HIS B 194 -24.87 -8.02 -8.25
CA HIS B 194 -24.92 -9.44 -7.90
C HIS B 194 -26.29 -9.74 -7.33
N GLU B 195 -26.99 -8.71 -6.85
CA GLU B 195 -28.28 -8.88 -6.18
C GLU B 195 -29.44 -9.11 -7.17
N MET B 196 -29.76 -10.37 -7.47
CA MET B 196 -30.79 -10.62 -8.49
C MET B 196 -32.21 -10.23 -8.04
N GLY B 197 -32.41 -10.09 -6.76
CA GLY B 197 -33.67 -9.66 -6.23
C GLY B 197 -34.06 -8.29 -6.71
N PHE B 198 -33.10 -7.40 -6.84
CA PHE B 198 -33.37 -6.09 -7.35
C PHE B 198 -33.90 -6.18 -8.75
N ALA B 199 -33.30 -7.01 -9.58
CA ALA B 199 -33.77 -7.22 -10.93
C ALA B 199 -35.12 -7.88 -11.01
N ARG B 200 -35.38 -8.85 -10.14
CA ARG B 200 -36.67 -9.49 -10.12
C ARG B 200 -37.72 -8.49 -9.77
N GLU B 201 -37.45 -7.71 -8.76
CA GLU B 201 -38.43 -6.78 -8.26
C GLU B 201 -38.74 -5.57 -9.11
N VAL B 202 -37.72 -5.02 -9.73
CA VAL B 202 -37.85 -3.71 -10.34
C VAL B 202 -37.31 -3.56 -11.76
N GLY B 203 -36.65 -4.58 -12.27
CA GLY B 203 -35.98 -4.50 -13.54
C GLY B 203 -36.80 -4.66 -14.78
N ASP B 204 -36.47 -3.93 -15.83
CA ASP B 204 -37.14 -4.15 -17.09
C ASP B 204 -36.44 -5.17 -17.96
N ARG B 205 -35.13 -5.16 -17.93
CA ARG B 205 -34.37 -6.09 -18.72
C ARG B 205 -33.19 -6.61 -17.96
N VAL B 206 -32.75 -7.80 -18.30
CA VAL B 206 -31.55 -8.37 -17.75
C VAL B 206 -30.60 -8.73 -18.87
N ILE B 207 -29.37 -8.28 -18.76
CA ILE B 207 -28.33 -8.55 -19.76
C ILE B 207 -27.35 -9.55 -19.14
N PHE B 208 -27.14 -10.69 -19.78
CA PHE B 208 -26.11 -11.61 -19.29
C PHE B 208 -24.88 -11.56 -20.20
N MET B 209 -23.77 -11.15 -19.59
CA MET B 209 -22.49 -11.05 -20.25
C MET B 209 -21.53 -12.14 -19.76
N ASP B 210 -20.65 -12.54 -20.66
CA ASP B 210 -19.70 -13.62 -20.43
C ASP B 210 -18.58 -13.44 -21.42
N ASP B 211 -17.35 -13.54 -20.92
CA ASP B 211 -16.12 -13.34 -21.70
C ASP B 211 -16.18 -12.15 -22.68
N GLY B 212 -16.60 -10.99 -22.17
CA GLY B 212 -16.58 -9.77 -22.96
C GLY B 212 -17.65 -9.66 -24.02
N VAL B 213 -18.73 -10.40 -23.82
CA VAL B 213 -19.74 -10.38 -24.86
C VAL B 213 -21.12 -10.55 -24.21
N ILE B 214 -22.14 -9.98 -24.81
CA ILE B 214 -23.49 -10.24 -24.35
C ILE B 214 -23.93 -11.57 -24.96
N VAL B 215 -24.24 -12.57 -24.14
CA VAL B 215 -24.61 -13.85 -24.73
C VAL B 215 -26.12 -14.01 -24.69
N GLU B 216 -26.80 -13.30 -23.80
CA GLU B 216 -28.27 -13.41 -23.76
C GLU B 216 -28.94 -12.26 -23.00
N GLU B 217 -30.10 -11.81 -23.49
CA GLU B 217 -30.89 -10.83 -22.76
C GLU B 217 -32.39 -11.10 -22.88
N GLY B 218 -33.16 -10.52 -21.97
CA GLY B 218 -34.59 -10.73 -21.95
C GLY B 218 -35.15 -10.06 -20.71
N THR B 219 -36.43 -10.27 -20.43
CA THR B 219 -36.99 -9.80 -19.17
C THR B 219 -36.43 -10.65 -18.03
N PRO B 220 -36.50 -10.13 -16.79
CA PRO B 220 -36.03 -10.94 -15.65
C PRO B 220 -36.64 -12.35 -15.59
N GLU B 221 -37.94 -12.54 -15.81
CA GLU B 221 -38.50 -13.89 -15.71
C GLU B 221 -37.99 -14.77 -16.85
N GLU B 222 -37.86 -14.19 -18.04
CA GLU B 222 -37.26 -14.90 -19.17
C GLU B 222 -35.85 -15.45 -18.84
N ILE B 223 -34.97 -14.59 -18.29
CA ILE B 223 -33.61 -15.03 -17.94
C ILE B 223 -33.60 -15.99 -16.73
N PHE B 224 -34.38 -15.70 -15.70
CA PHE B 224 -34.32 -16.46 -14.46
C PHE B 224 -35.09 -17.81 -14.46
N TYR B 225 -36.03 -17.99 -15.39
CA TYR B 225 -36.82 -19.25 -15.46
C TYR B 225 -36.68 -19.95 -16.79
N ARG B 226 -36.33 -19.20 -17.83
CA ARG B 226 -36.34 -19.79 -19.16
C ARG B 226 -35.12 -19.41 -19.99
N ALA B 227 -33.97 -19.28 -19.34
CA ALA B 227 -32.74 -18.94 -20.05
C ALA B 227 -32.46 -19.94 -21.16
N LYS B 228 -32.19 -19.46 -22.38
CA LYS B 228 -32.03 -20.37 -23.49
C LYS B 228 -30.59 -20.86 -23.68
N ASN B 229 -29.62 -20.02 -23.35
CA ASN B 229 -28.22 -20.33 -23.65
C ASN B 229 -27.50 -21.06 -22.54
N GLU B 230 -26.66 -22.03 -22.91
CA GLU B 230 -25.98 -22.90 -21.96
C GLU B 230 -25.16 -22.16 -20.89
N ARG B 231 -24.45 -21.10 -21.31
CA ARG B 231 -23.63 -20.32 -20.41
C ARG B 231 -24.47 -19.57 -19.37
N THR B 232 -25.61 -19.05 -19.82
CA THR B 232 -26.54 -18.36 -18.94
C THR B 232 -26.97 -19.32 -17.85
N ARG B 233 -27.35 -20.52 -18.27
CA ARG B 233 -27.72 -21.63 -17.38
C ARG B 233 -26.63 -22.06 -16.38
N GLU B 234 -25.39 -22.24 -16.85
CA GLU B 234 -24.30 -22.58 -15.94
C GLU B 234 -24.15 -21.52 -14.86
N PHE B 235 -24.03 -20.27 -15.32
CA PHE B 235 -23.82 -19.15 -14.39
C PHE B 235 -24.95 -19.04 -13.38
N LEU B 236 -26.20 -19.10 -13.85
CA LEU B 236 -27.35 -19.03 -12.94
C LEU B 236 -27.40 -20.22 -12.00
N SER B 237 -26.95 -21.39 -12.43
CA SER B 237 -26.93 -22.54 -11.53
C SER B 237 -25.90 -22.33 -10.42
N LYS B 238 -24.81 -21.63 -10.72
CA LYS B 238 -23.85 -21.35 -9.66
C LYS B 238 -24.29 -20.21 -8.76
N ILE B 239 -25.06 -19.27 -9.31
CA ILE B 239 -25.32 -17.99 -8.63
C ILE B 239 -26.71 -17.90 -7.96
N LEU B 240 -27.69 -18.65 -8.47
CA LEU B 240 -29.03 -18.67 -7.88
C LEU B 240 -29.06 -19.76 -6.81
N MET C 1 38.19 32.11 -18.74
CA MET C 1 38.15 31.95 -20.17
C MET C 1 36.72 31.65 -20.62
N THR C 2 36.62 30.91 -21.71
CA THR C 2 35.35 30.35 -22.13
C THR C 2 35.50 28.83 -22.20
N VAL C 3 34.38 28.12 -22.32
CA VAL C 3 34.38 26.65 -22.23
C VAL C 3 35.19 25.96 -23.33
N ASP C 4 35.84 24.87 -22.95
CA ASP C 4 36.58 24.06 -23.91
C ASP C 4 36.67 22.60 -23.46
N PHE C 5 35.70 21.81 -23.88
CA PHE C 5 35.63 20.40 -23.49
C PHE C 5 36.62 19.56 -24.27
N LEU C 6 36.93 20.01 -25.48
CA LEU C 6 37.73 19.21 -26.39
C LEU C 6 39.16 19.04 -25.87
N SER C 7 39.61 19.97 -25.02
CA SER C 7 40.89 19.83 -24.33
C SER C 7 40.86 18.67 -23.37
N MET C 8 39.67 18.37 -22.88
CA MET C 8 39.48 17.38 -21.83
C MET C 8 39.68 15.94 -22.28
N VAL C 9 39.50 15.68 -23.57
CA VAL C 9 39.71 14.33 -24.15
C VAL C 9 41.02 13.67 -23.72
N LYS C 10 42.08 14.47 -23.63
CA LYS C 10 43.42 13.99 -23.29
C LYS C 10 43.44 13.33 -21.92
N TYR C 11 42.50 13.75 -21.09
CA TYR C 11 42.42 13.29 -19.70
C TYR C 11 41.41 12.13 -19.51
N THR C 12 41.00 11.52 -20.62
CA THR C 12 40.12 10.36 -20.56
C THR C 12 40.63 9.24 -19.62
N PRO C 13 41.93 8.91 -19.66
CA PRO C 13 42.34 7.87 -18.70
C PRO C 13 42.14 8.24 -17.22
N LEU C 14 42.06 9.52 -16.90
CA LEU C 14 41.85 9.93 -15.51
C LEU C 14 40.40 9.70 -15.06
N PHE C 15 39.49 10.24 -15.84
CA PHE C 15 38.06 10.02 -15.68
C PHE C 15 37.71 8.52 -15.51
N ILE C 16 38.20 7.69 -16.44
CA ILE C 16 38.04 6.24 -16.41
C ILE C 16 38.60 5.62 -15.16
N SER C 17 39.81 6.05 -14.78
CA SER C 17 40.47 5.52 -13.59
C SER C 17 39.65 5.84 -12.33
N GLY C 18 39.15 7.07 -12.26
CA GLY C 18 38.33 7.50 -11.16
C GLY C 18 37.06 6.70 -11.09
N LEU C 19 36.39 6.55 -12.24
CA LEU C 19 35.17 5.76 -12.36
C LEU C 19 35.33 4.34 -11.79
N ILE C 20 36.42 3.69 -12.15
CA ILE C 20 36.70 2.35 -11.63
C ILE C 20 36.93 2.36 -10.11
N MET C 21 37.47 3.44 -9.57
CA MET C 21 37.67 3.55 -8.12
C MET C 21 36.35 3.74 -7.37
N THR C 22 35.45 4.56 -7.91
CA THR C 22 34.14 4.78 -7.29
C THR C 22 33.34 3.45 -7.28
N LEU C 23 33.45 2.67 -8.36
CA LEU C 23 32.85 1.33 -8.41
C LEU C 23 33.43 0.41 -7.34
N LYS C 24 34.76 0.28 -7.35
CA LYS C 24 35.49 -0.54 -6.39
C LYS C 24 35.20 -0.11 -4.95
N LEU C 25 35.16 1.20 -4.72
CA LEU C 25 34.84 1.73 -3.40
C LEU C 25 33.44 1.30 -2.99
N THR C 26 32.44 1.61 -3.82
CA THR C 26 31.05 1.28 -3.53
C THR C 26 30.78 -0.22 -3.42
N PHE C 27 31.00 -0.94 -4.51
CA PHE C 27 30.79 -2.39 -4.57
C PHE C 27 31.34 -3.12 -3.35
N LEU C 28 32.49 -2.68 -2.86
CA LEU C 28 33.14 -3.31 -1.72
C LEU C 28 32.51 -2.83 -0.40
N ALA C 29 32.19 -1.54 -0.33
CA ALA C 29 31.57 -0.97 0.86
C ALA C 29 30.18 -1.55 1.09
N VAL C 30 29.36 -1.54 0.05
CA VAL C 30 27.99 -2.06 0.15
C VAL C 30 27.99 -3.58 0.44
N THR C 31 28.93 -4.32 -0.16
CA THR C 31 29.05 -5.76 0.09
C THR C 31 29.24 -6.06 1.57
N ILE C 32 30.14 -5.31 2.18
CA ILE C 32 30.41 -5.44 3.60
C ILE C 32 29.21 -4.89 4.35
N GLY C 33 28.63 -3.79 3.83
CA GLY C 33 27.47 -3.18 4.45
C GLY C 33 26.27 -4.12 4.54
N VAL C 34 26.12 -4.97 3.53
CA VAL C 34 25.07 -5.97 3.52
C VAL C 34 25.31 -7.02 4.60
N LEU C 35 26.51 -7.58 4.62
CA LEU C 35 26.89 -8.60 5.59
C LEU C 35 26.74 -8.06 7.01
N MET C 36 27.30 -6.89 7.25
CA MET C 36 27.16 -6.24 8.53
C MET C 36 25.69 -6.00 8.85
N GLY C 37 24.97 -5.43 7.88
CA GLY C 37 23.56 -5.11 8.03
C GLY C 37 22.67 -6.28 8.40
N LEU C 38 22.87 -7.42 7.73
CA LEU C 38 22.23 -8.68 8.10
C LEU C 38 22.41 -8.96 9.58
N PHE C 39 23.66 -8.98 9.99
CA PHE C 39 24.06 -9.38 11.33
C PHE C 39 23.42 -8.47 12.38
N ILE C 40 23.27 -7.20 12.05
CA ILE C 40 22.73 -6.22 12.99
C ILE C 40 21.21 -6.35 13.06
N ALA C 41 20.60 -6.70 11.93
CA ALA C 41 19.18 -6.96 11.89
C ALA C 41 18.88 -8.15 12.80
N LEU C 42 19.56 -9.28 12.55
CA LEU C 42 19.46 -10.49 13.36
C LEU C 42 19.63 -10.21 14.85
N MET C 43 20.58 -9.34 15.13
CA MET C 43 20.90 -8.91 16.47
C MET C 43 19.74 -8.18 17.16
N LYS C 44 18.97 -7.45 16.36
CA LYS C 44 17.87 -6.64 16.87
C LYS C 44 16.64 -7.51 17.12
N MET C 45 16.57 -8.63 16.40
CA MET C 45 15.51 -9.59 16.55
C MET C 45 15.68 -10.43 17.80
N SER C 46 16.90 -10.47 18.34
CA SER C 46 17.22 -11.33 19.47
C SER C 46 16.33 -11.04 20.70
N SER C 47 16.08 -12.09 21.46
CA SER C 47 15.24 -12.02 22.65
C SER C 47 16.02 -11.48 23.84
N ILE C 48 17.34 -11.38 23.68
CA ILE C 48 18.20 -10.90 24.76
C ILE C 48 18.20 -9.37 24.74
N LYS C 49 17.45 -8.81 25.68
CA LYS C 49 17.10 -7.39 25.73
C LYS C 49 18.25 -6.35 25.61
N PRO C 50 19.46 -6.64 26.15
CA PRO C 50 20.48 -5.60 25.96
C PRO C 50 21.00 -5.52 24.51
N ILE C 51 20.98 -6.66 23.84
CA ILE C 51 21.51 -6.79 22.48
C ILE C 51 20.59 -6.09 21.45
N LYS C 52 19.28 -6.26 21.62
CA LYS C 52 18.31 -5.54 20.79
C LYS C 52 18.52 -4.03 20.95
N LEU C 53 18.83 -3.62 22.19
CA LEU C 53 19.15 -2.22 22.48
C LEU C 53 20.37 -1.77 21.71
N VAL C 54 21.40 -2.62 21.68
CA VAL C 54 22.65 -2.27 21.00
C VAL C 54 22.42 -2.06 19.51
N ALA C 55 21.79 -3.04 18.86
CA ALA C 55 21.52 -2.96 17.42
C ALA C 55 20.64 -1.74 17.10
N SER C 56 19.62 -1.55 17.92
CA SER C 56 18.70 -0.42 17.75
C SER C 56 19.42 0.92 17.84
N SER C 57 20.27 1.06 18.86
CA SER C 57 21.01 2.30 19.09
C SER C 57 21.98 2.58 17.95
N TYR C 58 22.71 1.54 17.56
CA TYR C 58 23.57 1.57 16.39
C TYR C 58 22.86 2.15 15.17
N ILE C 59 21.78 1.47 14.74
CA ILE C 59 21.03 1.87 13.55
C ILE C 59 20.54 3.31 13.66
N GLU C 60 19.91 3.59 14.80
CA GLU C 60 19.38 4.92 15.09
C GLU C 60 20.44 6.02 14.94
N VAL C 61 21.66 5.73 15.41
CA VAL C 61 22.75 6.72 15.38
C VAL C 61 23.34 6.89 14.00
N ILE C 62 23.76 5.78 13.39
CA ILE C 62 24.32 5.81 12.05
C ILE C 62 23.37 6.52 11.07
N ARG C 63 22.07 6.29 11.20
CA ARG C 63 21.13 6.88 10.25
C ARG C 63 20.74 8.31 10.60
N GLY C 64 20.73 8.62 11.89
CA GLY C 64 20.28 9.93 12.31
C GLY C 64 21.38 10.97 12.25
N THR C 65 22.52 10.56 11.68
CA THR C 65 23.71 11.39 11.70
C THR C 65 24.45 11.33 10.34
N PRO C 66 25.11 12.45 9.93
CA PRO C 66 25.67 12.59 8.58
C PRO C 66 26.77 11.60 8.24
N LEU C 67 26.83 11.16 6.97
CA LEU C 67 27.90 10.26 6.52
C LEU C 67 29.29 10.94 6.63
N LEU C 68 29.32 12.24 6.30
CA LEU C 68 30.54 13.04 6.32
C LEU C 68 31.21 12.98 7.69
N VAL C 69 30.44 13.34 8.72
CA VAL C 69 30.94 13.32 10.09
C VAL C 69 31.47 11.95 10.49
N GLN C 70 30.89 10.88 9.94
CA GLN C 70 31.36 9.52 10.24
C GLN C 70 32.72 9.26 9.57
N LEU C 71 32.83 9.73 8.32
CA LEU C 71 34.07 9.66 7.55
C LEU C 71 35.21 10.38 8.28
N LEU C 72 35.01 11.67 8.52
CA LEU C 72 36.00 12.50 9.19
C LEU C 72 36.32 11.97 10.58
N LEU C 73 35.30 11.51 11.31
CA LEU C 73 35.52 10.90 12.61
C LEU C 73 36.45 9.70 12.52
N ILE C 74 36.36 8.93 11.44
CA ILE C 74 37.31 7.82 11.26
C ILE C 74 38.72 8.31 10.84
N TYR C 75 38.78 9.16 9.82
CA TYR C 75 40.03 9.57 9.21
C TYR C 75 40.82 10.54 10.09
N ASN C 76 40.14 11.57 10.61
CA ASN C 76 40.79 12.62 11.39
C ASN C 76 40.75 12.37 12.89
N GLY C 77 39.61 11.95 13.39
CA GLY C 77 39.41 11.71 14.81
C GLY C 77 40.30 10.62 15.36
N LEU C 78 40.77 9.72 14.49
CA LEU C 78 41.59 8.60 14.96
C LEU C 78 43.08 8.90 14.88
N MET C 79 43.45 10.02 14.26
CA MET C 79 44.86 10.41 14.13
C MET C 79 45.52 10.64 15.48
N GLN C 80 44.86 11.42 16.32
CA GLN C 80 45.38 11.74 17.64
C GLN C 80 45.56 10.55 18.56
N PHE C 81 45.46 9.35 18.01
CA PHE C 81 45.66 8.13 18.76
C PHE C 81 46.81 7.38 18.13
N GLY C 82 47.54 8.08 17.26
CA GLY C 82 48.66 7.52 16.56
C GLY C 82 48.23 6.56 15.47
N MET C 83 46.98 6.72 15.06
CA MET C 83 46.46 5.84 14.02
C MET C 83 46.25 6.65 12.74
N ASN C 84 47.07 6.36 11.75
CA ASN C 84 46.92 7.00 10.44
C ASN C 84 46.43 5.99 9.42
N ILE C 85 45.11 5.82 9.32
CA ILE C 85 44.51 4.91 8.37
C ILE C 85 44.41 5.62 7.00
N PRO C 86 44.73 4.88 5.92
CA PRO C 86 44.69 5.37 4.53
C PRO C 86 43.34 6.01 4.14
N ALA C 87 43.29 6.75 3.04
CA ALA C 87 42.03 7.38 2.65
C ALA C 87 41.01 6.32 2.25
N PHE C 88 41.50 5.29 1.55
CA PHE C 88 40.68 4.22 1.01
C PHE C 88 40.05 3.33 2.12
N THR C 89 40.86 2.89 3.07
CA THR C 89 40.30 2.07 4.15
C THR C 89 39.32 2.90 4.98
N ALA C 90 39.59 4.19 5.11
CA ALA C 90 38.72 5.07 5.87
C ALA C 90 37.37 5.22 5.17
N GLY C 91 37.40 5.44 3.86
CA GLY C 91 36.21 5.59 3.05
C GLY C 91 35.36 4.34 2.99
N VAL C 92 36.02 3.19 2.80
CA VAL C 92 35.33 1.91 2.81
C VAL C 92 34.67 1.63 4.16
N SER C 93 35.42 1.82 5.24
CA SER C 93 34.85 1.65 6.58
C SER C 93 33.66 2.57 6.80
N ALA C 94 33.79 3.84 6.45
CA ALA C 94 32.72 4.79 6.69
C ALA C 94 31.47 4.40 5.91
N LEU C 95 31.67 4.12 4.62
CA LEU C 95 30.56 3.77 3.73
C LEU C 95 29.89 2.45 4.12
N ALA C 96 30.68 1.42 4.44
CA ALA C 96 30.13 0.11 4.85
C ALA C 96 29.41 0.19 6.20
N ILE C 97 29.85 1.07 7.08
CA ILE C 97 29.22 1.22 8.38
C ILE C 97 27.89 1.96 8.21
N ASN C 98 27.85 2.95 7.33
CA ASN C 98 26.63 3.68 7.03
C ASN C 98 25.59 2.73 6.36
N SER C 99 26.11 1.99 5.39
CA SER C 99 25.32 1.05 4.62
C SER C 99 24.80 -0.07 5.51
N SER C 100 25.57 -0.47 6.52
CA SER C 100 25.15 -1.56 7.38
C SER C 100 23.86 -1.22 8.11
N ALA C 101 23.73 0.03 8.54
CA ALA C 101 22.54 0.43 9.28
C ALA C 101 21.36 0.54 8.34
N TYR C 102 21.60 1.13 7.17
CA TYR C 102 20.46 1.29 6.26
C TYR C 102 19.98 -0.08 5.75
N VAL C 103 20.91 -1.01 5.57
CA VAL C 103 20.57 -2.35 5.11
C VAL C 103 19.81 -3.09 6.24
N ALA C 104 20.26 -2.89 7.48
CA ALA C 104 19.60 -3.46 8.65
C ALA C 104 18.12 -3.05 8.72
N GLU C 105 17.81 -1.82 8.33
CA GLU C 105 16.41 -1.37 8.26
C GLU C 105 15.66 -1.91 7.04
N ILE C 106 16.35 -2.02 5.92
CA ILE C 106 15.76 -2.58 4.71
C ILE C 106 15.27 -4.02 4.98
N ILE C 107 16.10 -4.81 5.66
CA ILE C 107 15.79 -6.21 5.94
C ILE C 107 14.55 -6.38 6.82
N ARG C 108 14.56 -5.67 7.94
CA ARG C 108 13.48 -5.64 8.87
C ARG C 108 12.19 -5.23 8.15
N ALA C 109 12.30 -4.26 7.25
CA ALA C 109 11.10 -3.76 6.57
C ALA C 109 10.60 -4.71 5.48
N GLY C 110 11.51 -5.53 4.97
CA GLY C 110 11.15 -6.50 3.96
C GLY C 110 10.46 -7.66 4.66
N ILE C 111 10.82 -7.89 5.92
CA ILE C 111 10.15 -8.94 6.65
C ILE C 111 8.78 -8.42 7.09
N GLN C 112 8.72 -7.17 7.52
CA GLN C 112 7.43 -6.60 7.91
C GLN C 112 6.49 -6.47 6.71
N ALA C 113 7.00 -6.59 5.50
CA ALA C 113 6.18 -6.33 4.32
C ALA C 113 5.44 -7.57 3.84
N VAL C 114 5.90 -8.76 4.22
CA VAL C 114 5.12 -9.94 3.88
C VAL C 114 3.85 -10.02 4.77
N ASP C 115 2.73 -10.30 4.09
CA ASP C 115 1.40 -10.31 4.68
C ASP C 115 1.35 -11.23 5.90
N PRO C 116 0.89 -10.69 7.03
CA PRO C 116 0.78 -11.43 8.31
C PRO C 116 -0.06 -12.70 8.18
N GLY C 117 -0.87 -12.78 7.13
CA GLY C 117 -1.66 -13.97 6.91
C GLY C 117 -0.78 -15.20 6.66
N GLN C 118 0.36 -14.98 6.00
CA GLN C 118 1.30 -16.04 5.72
C GLN C 118 1.75 -16.69 7.01
N ASN C 119 2.15 -15.86 7.96
CA ASN C 119 2.57 -16.35 9.27
C ASN C 119 1.44 -17.05 10.03
N GLU C 120 0.29 -16.39 10.11
CA GLU C 120 -0.88 -17.00 10.71
C GLU C 120 -1.25 -18.39 10.14
N ALA C 121 -1.26 -18.51 8.83
CA ALA C 121 -1.50 -19.79 8.19
C ALA C 121 -0.45 -20.80 8.59
N ALA C 122 0.81 -20.34 8.53
CA ALA C 122 1.95 -21.18 8.86
C ALA C 122 1.81 -21.77 10.28
N ARG C 123 1.60 -20.90 11.25
CA ARG C 123 1.47 -21.32 12.64
C ARG C 123 0.22 -22.16 12.88
N SER C 124 -0.85 -21.82 12.16
CA SER C 124 -2.13 -22.51 12.30
C SER C 124 -2.05 -23.95 11.84
N LEU C 125 -1.03 -24.28 11.06
CA LEU C 125 -0.79 -25.65 10.62
C LEU C 125 0.16 -26.37 11.59
N GLY C 126 0.47 -25.74 12.72
CA GLY C 126 1.31 -26.38 13.71
C GLY C 126 2.78 -26.00 13.67
N MET C 127 3.20 -25.28 12.64
CA MET C 127 4.59 -24.81 12.53
C MET C 127 4.96 -23.88 13.67
N THR C 128 6.20 -23.98 14.12
CA THR C 128 6.76 -23.06 15.11
C THR C 128 7.12 -21.75 14.45
N HIS C 129 7.42 -20.73 15.23
CA HIS C 129 7.99 -19.51 14.67
C HIS C 129 9.19 -19.81 13.74
N ALA C 130 10.10 -20.67 14.21
CA ALA C 130 11.29 -21.02 13.44
C ALA C 130 10.94 -21.59 12.08
N MET C 131 10.08 -22.61 12.06
CA MET C 131 9.72 -23.22 10.80
C MET C 131 9.00 -22.22 9.88
N ALA C 132 8.11 -21.40 10.45
CA ALA C 132 7.34 -20.46 9.65
C ALA C 132 8.26 -19.50 8.95
N MET C 133 9.26 -19.03 9.71
CA MET C 133 10.28 -18.09 9.24
C MET C 133 11.16 -18.69 8.15
N ARG C 134 11.66 -19.87 8.43
CA ARG C 134 12.49 -20.66 7.54
C ARG C 134 11.84 -21.02 6.20
N TYR C 135 10.61 -21.54 6.24
CA TYR C 135 10.02 -22.12 5.05
C TYR C 135 8.95 -21.26 4.36
N VAL C 136 8.46 -20.22 5.03
CA VAL C 136 7.36 -19.44 4.51
C VAL C 136 7.65 -17.95 4.41
N ILE C 137 8.07 -17.34 5.51
CA ILE C 137 8.26 -15.89 5.59
C ILE C 137 9.56 -15.37 4.95
N ILE C 138 10.70 -15.94 5.34
CA ILE C 138 11.99 -15.44 4.82
C ILE C 138 12.10 -15.52 3.29
N PRO C 139 11.70 -16.66 2.67
CA PRO C 139 11.77 -16.70 1.20
C PRO C 139 11.00 -15.56 0.54
N GLN C 140 9.97 -15.10 1.24
CA GLN C 140 9.13 -14.05 0.72
C GLN C 140 9.71 -12.67 1.05
N ALA C 141 10.32 -12.53 2.23
CA ALA C 141 11.00 -11.29 2.61
C ALA C 141 12.18 -10.97 1.67
N ILE C 142 12.87 -12.03 1.23
CA ILE C 142 13.97 -11.93 0.26
C ILE C 142 13.58 -11.15 -1.00
N LYS C 143 12.45 -11.50 -1.60
CA LYS C 143 11.98 -10.84 -2.81
C LYS C 143 11.62 -9.39 -2.55
N ASN C 144 11.35 -9.04 -1.29
CA ASN C 144 11.14 -7.65 -0.91
C ASN C 144 12.46 -6.87 -0.72
N ILE C 145 13.50 -7.59 -0.30
CA ILE C 145 14.71 -6.97 0.15
C ILE C 145 15.67 -6.76 -1.02
N LEU C 146 15.78 -7.75 -1.90
CA LEU C 146 16.70 -7.66 -3.04
C LEU C 146 16.53 -6.37 -3.87
N PRO C 147 15.30 -6.04 -4.31
CA PRO C 147 15.24 -4.78 -5.06
C PRO C 147 15.56 -3.55 -4.22
N ALA C 148 15.45 -3.64 -2.91
CA ALA C 148 15.82 -2.53 -2.04
C ALA C 148 17.35 -2.49 -1.82
N LEU C 149 17.98 -3.65 -1.87
CA LEU C 149 19.43 -3.73 -1.77
C LEU C 149 20.03 -3.15 -3.04
N GLY C 150 19.49 -3.56 -4.18
CA GLY C 150 19.94 -3.06 -5.46
C GLY C 150 19.86 -1.55 -5.57
N ASN C 151 18.87 -0.97 -4.89
CA ASN C 151 18.67 0.46 -4.90
C ASN C 151 19.61 1.14 -3.89
N GLU C 152 19.98 0.42 -2.85
CA GLU C 152 20.93 0.92 -1.85
C GLU C 152 22.29 1.15 -2.52
N PHE C 153 22.73 0.18 -3.32
CA PHE C 153 23.91 0.31 -4.16
C PHE C 153 23.85 1.61 -5.00
N ILE C 154 22.82 1.75 -5.83
CA ILE C 154 22.66 2.93 -6.68
C ILE C 154 22.80 4.23 -5.88
N VAL C 155 22.18 4.28 -4.71
CA VAL C 155 22.30 5.47 -3.85
C VAL C 155 23.74 5.68 -3.32
N MET C 156 24.41 4.60 -2.91
CA MET C 156 25.77 4.71 -2.40
C MET C 156 26.78 5.19 -3.46
N LEU C 157 26.53 4.86 -4.72
CA LEU C 157 27.36 5.34 -5.82
C LEU C 157 27.48 6.87 -5.75
N LYS C 158 26.34 7.54 -5.59
CA LYS C 158 26.37 8.98 -5.43
C LYS C 158 27.04 9.35 -4.11
N GLU C 159 26.72 8.61 -3.05
CA GLU C 159 27.26 8.91 -1.73
C GLU C 159 28.79 8.83 -1.67
N SER C 160 29.37 7.90 -2.43
CA SER C 160 30.80 7.62 -2.38
C SER C 160 31.65 8.83 -2.81
N ALA C 161 31.05 9.75 -3.58
CA ALA C 161 31.75 10.94 -4.01
C ALA C 161 32.28 11.75 -2.82
N ILE C 162 31.83 11.43 -1.61
CA ILE C 162 32.18 12.21 -0.44
C ILE C 162 33.61 11.93 0.02
N VAL C 163 34.19 10.82 -0.44
CA VAL C 163 35.55 10.45 -0.06
C VAL C 163 36.55 11.26 -0.88
N SER C 164 36.02 12.11 -1.75
CA SER C 164 36.82 13.06 -2.48
C SER C 164 37.51 13.94 -1.49
N VAL C 165 36.75 14.41 -0.50
CA VAL C 165 37.24 15.44 0.41
C VAL C 165 38.40 14.93 1.25
N ILE C 166 38.57 13.62 1.24
CA ILE C 166 39.56 12.93 2.06
C ILE C 166 40.79 12.68 1.17
N GLY C 167 40.65 12.98 -0.11
CA GLY C 167 41.75 12.83 -1.05
C GLY C 167 41.86 11.48 -1.71
N PHE C 168 40.79 10.69 -1.68
CA PHE C 168 40.75 9.41 -2.39
C PHE C 168 40.55 9.67 -3.88
N ALA C 169 41.24 8.91 -4.72
CA ALA C 169 41.24 9.19 -6.14
C ALA C 169 40.03 8.60 -6.83
N ASP C 170 38.84 8.98 -6.37
CA ASP C 170 37.59 8.52 -6.96
C ASP C 170 37.29 9.35 -8.20
N LEU C 171 36.06 9.26 -8.69
CA LEU C 171 35.64 9.98 -9.87
C LEU C 171 35.64 11.50 -9.66
N THR C 172 35.17 11.94 -8.49
CA THR C 172 34.99 13.37 -8.24
C THR C 172 36.35 14.06 -8.04
N ARG C 173 37.28 13.34 -7.41
CA ARG C 173 38.61 13.87 -7.12
C ARG C 173 39.34 14.24 -8.42
N GLN C 174 39.02 13.53 -9.50
CA GLN C 174 39.64 13.76 -10.79
C GLN C 174 39.44 15.21 -11.27
N ALA C 175 38.50 15.96 -10.70
CA ALA C 175 38.37 17.35 -11.16
C ALA C 175 39.44 18.23 -10.51
N ASP C 176 39.86 17.87 -9.31
CA ASP C 176 40.94 18.60 -8.65
C ASP C 176 42.25 18.25 -9.29
N ILE C 177 42.37 17.00 -9.74
CA ILE C 177 43.58 16.55 -10.41
C ILE C 177 43.69 17.22 -11.78
N ILE C 178 42.62 17.21 -12.55
CA ILE C 178 42.71 17.79 -13.89
C ILE C 178 42.98 19.30 -13.84
N GLN C 179 42.24 20.04 -13.00
CA GLN C 179 42.35 21.49 -12.96
C GLN C 179 43.78 21.99 -12.59
N SER C 180 44.51 21.20 -11.80
CA SER C 180 45.84 21.60 -11.39
C SER C 180 46.77 21.79 -12.60
N VAL C 181 46.39 21.20 -13.73
CA VAL C 181 47.19 21.27 -14.95
C VAL C 181 46.43 22.02 -16.04
N THR C 182 45.21 22.45 -15.77
CA THR C 182 44.40 23.05 -16.81
C THR C 182 43.83 24.37 -16.36
N TYR C 183 43.74 24.53 -15.04
CA TYR C 183 43.11 25.69 -14.39
C TYR C 183 41.59 25.73 -14.65
N ARG C 184 41.06 24.64 -15.20
CA ARG C 184 39.63 24.54 -15.48
C ARG C 184 38.91 23.59 -14.51
N TYR C 185 37.85 24.10 -13.89
CA TYR C 185 37.07 23.31 -12.93
C TYR C 185 35.73 22.86 -13.54
N PHE C 186 35.09 23.77 -14.25
CA PHE C 186 33.76 23.57 -14.83
C PHE C 186 33.63 22.30 -15.67
N GLU C 187 34.35 22.26 -16.79
CA GLU C 187 34.26 21.15 -17.74
C GLU C 187 34.53 19.76 -17.13
N PRO C 188 35.56 19.62 -16.28
CA PRO C 188 35.68 18.27 -15.68
C PRO C 188 34.56 17.94 -14.69
N TYR C 189 33.93 18.95 -14.10
CA TYR C 189 32.81 18.69 -13.20
C TYR C 189 31.58 18.26 -13.99
N ILE C 190 31.22 19.02 -15.03
CA ILE C 190 30.18 18.62 -15.97
C ILE C 190 30.39 17.17 -16.43
N ILE C 191 31.60 16.86 -16.89
CA ILE C 191 31.91 15.51 -17.36
C ILE C 191 31.69 14.48 -16.26
N ILE C 192 32.13 14.82 -15.04
CA ILE C 192 31.98 13.90 -13.92
C ILE C 192 30.49 13.63 -13.60
N ALA C 193 29.70 14.70 -13.57
CA ALA C 193 28.26 14.61 -13.34
C ALA C 193 27.60 13.77 -14.44
N ALA C 194 28.05 13.92 -15.67
CA ALA C 194 27.53 13.13 -16.76
C ALA C 194 27.84 11.65 -16.54
N ILE C 195 29.05 11.36 -16.06
CA ILE C 195 29.41 9.97 -15.77
C ILE C 195 28.55 9.36 -14.64
N TYR C 196 28.37 10.14 -13.55
CA TYR C 196 27.54 9.69 -12.43
C TYR C 196 26.11 9.42 -12.92
N PHE C 197 25.57 10.37 -13.68
CA PHE C 197 24.25 10.25 -14.26
C PHE C 197 24.07 8.98 -15.09
N VAL C 198 24.97 8.77 -16.05
CA VAL C 198 24.89 7.58 -16.90
C VAL C 198 24.96 6.32 -16.05
N MET C 199 25.80 6.32 -15.02
CA MET C 199 25.86 5.17 -14.10
C MET C 199 24.49 4.93 -13.42
N THR C 200 23.87 6.02 -12.96
CA THR C 200 22.59 5.97 -12.30
C THR C 200 21.51 5.40 -13.22
N LEU C 201 21.41 5.92 -14.44
CA LEU C 201 20.44 5.43 -15.40
C LEU C 201 20.67 3.95 -15.72
N THR C 202 21.91 3.61 -16.05
CA THR C 202 22.26 2.25 -16.42
C THR C 202 21.88 1.24 -15.33
N PHE C 203 22.30 1.52 -14.11
CA PHE C 203 22.00 0.60 -13.01
C PHE C 203 20.53 0.61 -12.63
N SER C 204 19.85 1.74 -12.83
CA SER C 204 18.42 1.84 -12.57
C SER C 204 17.57 1.03 -13.52
N LYS C 205 17.77 1.19 -14.82
CA LYS C 205 17.01 0.41 -15.77
C LYS C 205 17.43 -1.05 -15.59
N LEU C 206 18.72 -1.31 -15.34
CA LEU C 206 19.14 -2.68 -15.03
C LEU C 206 18.45 -3.25 -13.79
N LEU C 207 18.08 -2.36 -12.87
CA LEU C 207 17.39 -2.75 -11.64
C LEU C 207 15.93 -3.07 -11.94
N SER C 208 15.34 -2.32 -12.85
CA SER C 208 13.94 -2.54 -13.22
C SER C 208 13.77 -3.85 -13.98
N LEU C 209 14.82 -4.29 -14.68
CA LEU C 209 14.77 -5.58 -15.35
C LEU C 209 15.14 -6.72 -14.39
N PHE C 210 14.82 -6.54 -13.12
CA PHE C 210 15.10 -7.54 -12.09
C PHE C 210 13.96 -7.45 -11.09
N GLU C 211 13.29 -6.31 -11.08
CA GLU C 211 12.10 -6.12 -10.27
C GLU C 211 10.95 -6.70 -11.06
N ARG C 212 11.26 -7.13 -12.28
CA ARG C 212 10.29 -7.77 -13.16
C ARG C 212 10.64 -9.25 -13.38
N ARG C 213 11.80 -9.68 -12.90
CA ARG C 213 12.20 -11.09 -12.97
C ARG C 213 12.08 -11.80 -11.63
N LEU C 214 11.50 -11.13 -10.65
CA LEU C 214 11.20 -11.79 -9.39
C LEU C 214 9.69 -11.89 -9.21
N ARG C 215 9.01 -10.77 -9.48
CA ARG C 215 7.55 -10.72 -9.38
C ARG C 215 6.95 -10.08 -10.62
N MET D 1 47.38 12.07 22.23
CA MET D 1 46.96 12.12 23.63
C MET D 1 45.97 11.01 23.94
N THR D 2 45.14 11.26 24.97
CA THR D 2 43.95 10.46 25.27
C THR D 2 42.76 11.40 25.30
N VAL D 3 41.55 10.85 25.35
CA VAL D 3 40.33 11.63 25.24
C VAL D 3 40.22 12.67 26.34
N ASP D 4 39.68 13.84 26.02
CA ASP D 4 39.44 14.87 27.02
C ASP D 4 38.30 15.79 26.56
N PHE D 5 37.08 15.46 26.94
CA PHE D 5 35.92 16.22 26.51
C PHE D 5 35.80 17.54 27.28
N LEU D 6 36.36 17.56 28.49
CA LEU D 6 36.25 18.74 29.34
C LEU D 6 37.00 19.93 28.75
N SER D 7 38.01 19.64 27.93
CA SER D 7 38.69 20.70 27.18
C SER D 7 37.73 21.33 26.18
N MET D 8 36.78 20.53 25.70
CA MET D 8 35.86 20.94 24.65
C MET D 8 34.77 21.89 25.12
N VAL D 9 34.48 21.84 26.42
CA VAL D 9 33.53 22.75 27.06
C VAL D 9 33.81 24.24 26.72
N LYS D 10 35.09 24.59 26.64
CA LYS D 10 35.50 25.96 26.32
C LYS D 10 34.97 26.41 24.97
N TYR D 11 34.79 25.42 24.08
CA TYR D 11 34.43 25.69 22.70
C TYR D 11 32.92 25.57 22.44
N THR D 12 32.14 25.58 23.53
CA THR D 12 30.69 25.52 23.41
C THR D 12 30.12 26.61 22.48
N PRO D 13 30.55 27.87 22.62
CA PRO D 13 30.01 28.87 21.70
C PRO D 13 30.29 28.58 20.22
N LEU D 14 31.33 27.81 19.95
CA LEU D 14 31.64 27.41 18.58
C LEU D 14 30.64 26.37 18.10
N PHE D 15 30.52 25.29 18.88
CA PHE D 15 29.49 24.28 18.64
C PHE D 15 28.10 24.90 18.45
N ILE D 16 27.69 25.76 19.37
CA ILE D 16 26.41 26.48 19.27
C ILE D 16 26.33 27.32 18.01
N SER D 17 27.41 28.03 17.69
CA SER D 17 27.45 28.86 16.48
C SER D 17 27.34 28.05 15.18
N GLY D 18 28.04 26.92 15.15
CA GLY D 18 27.99 26.03 14.00
C GLY D 18 26.60 25.51 13.79
N LEU D 19 25.97 25.05 14.87
CA LEU D 19 24.57 24.57 14.86
C LEU D 19 23.60 25.58 14.24
N ILE D 20 23.68 26.84 14.66
CA ILE D 20 22.79 27.87 14.13
C ILE D 20 22.97 28.09 12.63
N MET D 21 24.19 27.92 12.13
CA MET D 21 24.42 28.07 10.69
C MET D 21 23.83 26.84 9.96
N THR D 22 23.96 25.67 10.56
CA THR D 22 23.43 24.45 9.96
C THR D 22 21.91 24.55 9.79
N LEU D 23 21.26 25.13 10.80
CA LEU D 23 19.82 25.44 10.74
C LEU D 23 19.48 26.43 9.64
N LYS D 24 20.13 27.59 9.71
CA LYS D 24 19.91 28.70 8.79
C LYS D 24 20.13 28.31 7.33
N LEU D 25 21.18 27.52 7.09
CA LEU D 25 21.48 27.03 5.74
C LEU D 25 20.34 26.15 5.23
N THR D 26 20.01 25.11 6.02
CA THR D 26 18.99 24.12 5.67
C THR D 26 17.66 24.81 5.41
N PHE D 27 17.14 25.41 6.47
CA PHE D 27 15.91 26.19 6.40
C PHE D 27 15.78 27.10 5.17
N LEU D 28 16.86 27.71 4.72
CA LEU D 28 16.77 28.62 3.57
C LEU D 28 16.80 27.86 2.26
N ALA D 29 17.61 26.82 2.20
CA ALA D 29 17.72 25.99 1.01
C ALA D 29 16.44 25.21 0.76
N VAL D 30 15.95 24.53 1.79
CA VAL D 30 14.73 23.74 1.65
C VAL D 30 13.54 24.68 1.36
N THR D 31 13.53 25.88 1.95
CA THR D 31 12.48 26.86 1.65
C THR D 31 12.46 27.26 0.19
N ILE D 32 13.64 27.55 -0.35
CA ILE D 32 13.76 27.91 -1.75
C ILE D 32 13.46 26.68 -2.60
N GLY D 33 13.94 25.52 -2.15
CA GLY D 33 13.74 24.26 -2.85
C GLY D 33 12.28 23.87 -3.00
N VAL D 34 11.49 24.18 -1.98
CA VAL D 34 10.05 23.94 -2.01
C VAL D 34 9.41 24.78 -3.09
N LEU D 35 9.65 26.09 -3.05
CA LEU D 35 9.08 27.00 -4.04
C LEU D 35 9.55 26.62 -5.45
N MET D 36 10.85 26.42 -5.60
CA MET D 36 11.37 25.95 -6.87
C MET D 36 10.75 24.60 -7.23
N GLY D 37 10.75 23.67 -6.27
CA GLY D 37 10.21 22.33 -6.48
C GLY D 37 8.76 22.35 -6.97
N LEU D 38 7.96 23.21 -6.34
CA LEU D 38 6.61 23.50 -6.79
C LEU D 38 6.55 23.85 -8.28
N PHE D 39 7.27 24.89 -8.65
CA PHE D 39 7.21 25.43 -10.01
C PHE D 39 7.70 24.41 -11.05
N ILE D 40 8.63 23.56 -10.66
CA ILE D 40 9.19 22.57 -11.59
C ILE D 40 8.19 21.45 -11.80
N ALA D 41 7.43 21.14 -10.75
CA ALA D 41 6.35 20.17 -10.81
C ALA D 41 5.31 20.61 -11.85
N LEU D 42 4.82 21.83 -11.69
CA LEU D 42 3.88 22.46 -12.62
C LEU D 42 4.30 22.36 -14.09
N MET D 43 5.58 22.59 -14.34
CA MET D 43 6.12 22.53 -15.68
C MET D 43 6.01 21.11 -16.27
N LYS D 44 6.10 20.10 -15.40
CA LYS D 44 6.09 18.73 -15.86
C LYS D 44 4.65 18.32 -16.14
N MET D 45 3.72 19.00 -15.48
CA MET D 45 2.28 18.81 -15.70
C MET D 45 1.80 19.50 -16.99
N SER D 46 2.62 20.42 -17.51
CA SER D 46 2.25 21.20 -18.69
C SER D 46 1.94 20.30 -19.88
N SER D 47 0.99 20.72 -20.71
CA SER D 47 0.58 19.93 -21.87
C SER D 47 1.56 20.14 -23.03
N ILE D 48 2.41 21.14 -22.87
CA ILE D 48 3.42 21.53 -23.86
C ILE D 48 4.69 20.70 -23.73
N LYS D 49 4.89 19.72 -24.62
CA LYS D 49 5.97 18.73 -24.49
C LYS D 49 7.40 19.24 -24.25
N PRO D 50 7.79 20.38 -24.83
CA PRO D 50 9.18 20.77 -24.53
C PRO D 50 9.40 21.23 -23.08
N ILE D 51 8.37 21.79 -22.44
CA ILE D 51 8.51 22.24 -21.06
C ILE D 51 8.51 21.03 -20.11
N LYS D 52 7.60 20.08 -20.36
CA LYS D 52 7.57 18.83 -19.60
C LYS D 52 8.89 18.09 -19.73
N LEU D 53 9.47 18.12 -20.93
CA LEU D 53 10.78 17.52 -21.18
C LEU D 53 11.88 18.16 -20.31
N VAL D 54 11.89 19.50 -20.26
CA VAL D 54 12.92 20.21 -19.50
C VAL D 54 12.77 19.91 -18.00
N ALA D 55 11.55 20.00 -17.45
CA ALA D 55 11.34 19.73 -16.04
C ALA D 55 11.77 18.30 -15.71
N SER D 56 11.38 17.37 -16.59
CA SER D 56 11.73 15.97 -16.40
C SER D 56 13.27 15.81 -16.36
N SER D 57 13.96 16.40 -17.34
CA SER D 57 15.42 16.29 -17.42
C SER D 57 16.15 16.94 -16.23
N TYR D 58 15.73 18.15 -15.86
CA TYR D 58 16.19 18.81 -14.65
C TYR D 58 16.12 17.85 -13.46
N ILE D 59 14.91 17.38 -13.17
CA ILE D 59 14.66 16.51 -12.02
C ILE D 59 15.53 15.25 -12.05
N GLU D 60 15.48 14.55 -13.18
CA GLU D 60 16.25 13.35 -13.39
C GLU D 60 17.75 13.54 -13.18
N VAL D 61 18.27 14.68 -13.64
CA VAL D 61 19.72 14.94 -13.55
C VAL D 61 20.11 15.30 -12.13
N ILE D 62 19.46 16.31 -11.55
CA ILE D 62 19.73 16.72 -10.17
C ILE D 62 19.61 15.54 -9.18
N ARG D 63 18.65 14.65 -9.40
CA ARG D 63 18.48 13.52 -8.50
C ARG D 63 19.44 12.39 -8.87
N GLY D 64 19.77 12.27 -10.15
CA GLY D 64 20.59 11.18 -10.63
C GLY D 64 22.09 11.44 -10.48
N THR D 65 22.43 12.53 -9.79
CA THR D 65 23.80 13.01 -9.71
C THR D 65 24.12 13.53 -8.28
N PRO D 66 25.39 13.36 -7.81
CA PRO D 66 25.73 13.67 -6.41
C PRO D 66 25.59 15.13 -5.99
N LEU D 67 25.19 15.37 -4.74
CA LEU D 67 25.08 16.72 -4.20
C LEU D 67 26.47 17.41 -4.20
N LEU D 68 27.51 16.66 -3.85
CA LEU D 68 28.87 17.21 -3.79
C LEU D 68 29.23 17.85 -5.11
N VAL D 69 29.15 17.06 -6.17
CA VAL D 69 29.50 17.54 -7.51
C VAL D 69 28.68 18.78 -7.89
N GLN D 70 27.46 18.91 -7.38
CA GLN D 70 26.65 20.13 -7.63
C GLN D 70 27.21 21.34 -6.89
N LEU D 71 27.59 21.09 -5.63
CA LEU D 71 28.21 22.11 -4.80
C LEU D 71 29.47 22.65 -5.47
N LEU D 72 30.42 21.75 -5.75
CA LEU D 72 31.69 22.07 -6.35
C LEU D 72 31.52 22.70 -7.74
N LEU D 73 30.60 22.17 -8.54
CA LEU D 73 30.33 22.75 -9.86
C LEU D 73 29.90 24.21 -9.74
N ILE D 74 29.15 24.55 -8.71
CA ILE D 74 28.82 25.95 -8.51
C ILE D 74 30.02 26.75 -7.98
N TYR D 75 30.69 26.20 -6.97
CA TYR D 75 31.73 26.92 -6.25
C TYR D 75 33.07 27.03 -7.00
N ASN D 76 33.54 25.92 -7.56
CA ASN D 76 34.82 25.91 -8.24
C ASN D 76 34.64 26.15 -9.73
N GLY D 77 33.65 25.49 -10.32
CA GLY D 77 33.43 25.57 -11.74
C GLY D 77 33.15 26.97 -12.24
N LEU D 78 32.67 27.85 -11.35
CA LEU D 78 32.32 29.19 -11.79
C LEU D 78 33.44 30.21 -11.63
N MET D 79 34.52 29.81 -10.98
CA MET D 79 35.66 30.71 -10.75
C MET D 79 36.27 31.18 -12.07
N GLN D 80 36.54 30.23 -12.96
CA GLN D 80 37.15 30.53 -14.25
C GLN D 80 36.28 31.38 -15.15
N PHE D 81 35.23 31.98 -14.60
CA PHE D 81 34.40 32.88 -15.38
C PHE D 81 34.44 34.27 -14.76
N GLY D 82 35.34 34.46 -13.80
CA GLY D 82 35.43 35.72 -13.10
C GLY D 82 34.27 35.87 -12.14
N MET D 83 33.70 34.71 -11.79
CA MET D 83 32.59 34.63 -10.86
C MET D 83 33.10 33.98 -9.58
N ASN D 84 33.23 34.78 -8.53
CA ASN D 84 33.63 34.24 -7.24
C ASN D 84 32.50 34.35 -6.23
N ILE D 85 31.62 33.34 -6.20
CA ILE D 85 30.51 33.34 -5.26
C ILE D 85 30.98 32.88 -3.88
N PRO D 86 30.51 33.56 -2.83
CA PRO D 86 30.80 33.24 -1.42
C PRO D 86 30.46 31.78 -1.06
N ALA D 87 30.96 31.28 0.05
CA ALA D 87 30.69 29.90 0.41
C ALA D 87 29.21 29.70 0.73
N PHE D 88 28.64 30.65 1.47
CA PHE D 88 27.28 30.54 1.95
C PHE D 88 26.28 30.53 0.80
N THR D 89 26.41 31.49 -0.11
CA THR D 89 25.50 31.53 -1.24
C THR D 89 25.68 30.30 -2.14
N ALA D 90 26.91 29.80 -2.26
CA ALA D 90 27.15 28.63 -3.10
C ALA D 90 26.44 27.42 -2.53
N GLY D 91 26.56 27.23 -1.22
CA GLY D 91 25.92 26.13 -0.51
C GLY D 91 24.40 26.24 -0.57
N VAL D 92 23.87 27.45 -0.36
CA VAL D 92 22.44 27.66 -0.44
C VAL D 92 21.89 27.33 -1.85
N SER D 93 22.56 27.81 -2.88
CA SER D 93 22.19 27.51 -4.25
C SER D 93 22.17 26.01 -4.53
N ALA D 94 23.26 25.36 -4.12
CA ALA D 94 23.44 23.96 -4.41
C ALA D 94 22.35 23.15 -3.70
N LEU D 95 22.13 23.48 -2.43
CA LEU D 95 21.15 22.76 -1.63
C LEU D 95 19.72 23.02 -2.10
N ALA D 96 19.39 24.26 -2.44
CA ALA D 96 18.06 24.58 -2.92
C ALA D 96 17.78 23.93 -4.27
N ILE D 97 18.81 23.84 -5.11
CA ILE D 97 18.64 23.25 -6.43
C ILE D 97 18.52 21.74 -6.29
N ASN D 98 19.30 21.15 -5.37
CA ASN D 98 19.16 19.73 -5.10
C ASN D 98 17.77 19.40 -4.52
N SER D 99 17.34 20.19 -3.55
CA SER D 99 16.08 19.96 -2.86
C SER D 99 14.91 20.17 -3.80
N SER D 100 15.03 21.10 -4.75
CA SER D 100 13.91 21.39 -5.65
C SER D 100 13.51 20.16 -6.47
N ALA D 101 14.48 19.38 -6.90
CA ALA D 101 14.21 18.22 -7.74
C ALA D 101 13.53 17.13 -6.92
N TYR D 102 14.00 16.93 -5.69
CA TYR D 102 13.41 15.92 -4.83
C TYR D 102 11.99 16.35 -4.40
N VAL D 103 11.79 17.65 -4.21
CA VAL D 103 10.50 18.20 -3.82
C VAL D 103 9.45 18.11 -4.92
N ALA D 104 9.86 18.40 -6.16
CA ALA D 104 8.94 18.29 -7.29
C ALA D 104 8.35 16.86 -7.41
N GLU D 105 9.20 15.88 -7.11
CA GLU D 105 8.83 14.48 -7.16
C GLU D 105 7.98 14.13 -5.95
N ILE D 106 8.27 14.74 -4.80
CA ILE D 106 7.42 14.55 -3.64
C ILE D 106 5.98 15.00 -3.99
N ILE D 107 5.86 16.15 -4.66
CA ILE D 107 4.56 16.69 -5.03
C ILE D 107 3.83 15.75 -6.01
N ARG D 108 4.52 15.38 -7.09
CA ARG D 108 3.96 14.46 -8.08
C ARG D 108 3.48 13.14 -7.45
N ALA D 109 4.25 12.64 -6.50
CA ALA D 109 3.93 11.36 -5.87
C ALA D 109 2.79 11.50 -4.86
N GLY D 110 2.59 12.71 -4.35
CA GLY D 110 1.52 12.98 -3.42
C GLY D 110 0.21 13.13 -4.15
N ILE D 111 0.29 13.58 -5.40
CA ILE D 111 -0.91 13.69 -6.21
C ILE D 111 -1.31 12.31 -6.78
N GLN D 112 -0.32 11.53 -7.20
CA GLN D 112 -0.62 10.19 -7.70
C GLN D 112 -1.17 9.29 -6.59
N ALA D 113 -0.96 9.69 -5.35
CA ALA D 113 -1.27 8.85 -4.21
C ALA D 113 -2.70 8.97 -3.73
N VAL D 114 -3.38 10.08 -4.05
CA VAL D 114 -4.79 10.17 -3.71
C VAL D 114 -5.57 9.25 -4.65
N ASP D 115 -6.49 8.47 -4.06
CA ASP D 115 -7.22 7.42 -4.77
C ASP D 115 -7.88 7.98 -6.02
N PRO D 116 -7.61 7.35 -7.19
CA PRO D 116 -8.14 7.79 -8.50
C PRO D 116 -9.70 7.85 -8.55
N GLY D 117 -10.33 7.19 -7.59
CA GLY D 117 -11.77 7.21 -7.49
C GLY D 117 -12.29 8.62 -7.22
N GLN D 118 -11.51 9.39 -6.48
CA GLN D 118 -11.86 10.78 -6.16
C GLN D 118 -12.04 11.58 -7.45
N ASN D 119 -11.07 11.45 -8.34
CA ASN D 119 -11.13 12.14 -9.62
C ASN D 119 -12.32 11.65 -10.41
N GLU D 120 -12.46 10.32 -10.49
CA GLU D 120 -13.61 9.72 -11.18
C GLU D 120 -14.96 10.24 -10.72
N ALA D 121 -15.17 10.28 -9.41
CA ALA D 121 -16.41 10.80 -8.85
C ALA D 121 -16.59 12.27 -9.26
N ALA D 122 -15.53 13.04 -9.05
CA ALA D 122 -15.53 14.47 -9.34
C ALA D 122 -15.91 14.77 -10.79
N ARG D 123 -15.21 14.12 -11.72
CA ARG D 123 -15.52 14.28 -13.13
C ARG D 123 -16.88 13.72 -13.50
N SER D 124 -17.29 12.65 -12.83
CA SER D 124 -18.60 12.05 -13.09
C SER D 124 -19.72 12.99 -12.69
N LEU D 125 -19.39 13.96 -11.83
CA LEU D 125 -20.38 14.94 -11.39
C LEU D 125 -20.44 16.18 -12.27
N GLY D 126 -19.80 16.11 -13.43
CA GLY D 126 -19.84 17.20 -14.41
C GLY D 126 -18.62 18.15 -14.29
N MET D 127 -17.83 17.97 -13.24
CA MET D 127 -16.61 18.74 -13.06
C MET D 127 -15.58 18.49 -14.14
N THR D 128 -14.87 19.56 -14.48
CA THR D 128 -13.70 19.56 -15.35
C THR D 128 -12.45 19.13 -14.59
N HIS D 129 -11.37 18.83 -15.31
CA HIS D 129 -10.09 18.54 -14.68
C HIS D 129 -9.72 19.64 -13.68
N ALA D 130 -9.87 20.90 -14.10
CA ALA D 130 -9.55 22.08 -13.30
C ALA D 130 -10.25 22.13 -11.95
N MET D 131 -11.55 22.02 -11.98
CA MET D 131 -12.35 22.06 -10.79
C MET D 131 -12.05 20.89 -9.89
N ALA D 132 -11.89 19.74 -10.49
CA ALA D 132 -11.69 18.54 -9.71
C ALA D 132 -10.43 18.71 -8.96
N MET D 133 -9.44 19.23 -9.65
CA MET D 133 -8.17 19.44 -9.05
C MET D 133 -8.27 20.44 -7.93
N ARG D 134 -8.96 21.53 -8.17
CA ARG D 134 -9.02 22.58 -7.18
C ARG D 134 -9.73 22.16 -5.91
N TYR D 135 -10.84 21.46 -6.04
CA TYR D 135 -11.68 21.21 -4.89
C TYR D 135 -11.59 19.83 -4.28
N VAL D 136 -11.02 18.88 -4.99
CA VAL D 136 -10.98 17.52 -4.48
C VAL D 136 -9.58 17.00 -4.33
N ILE D 137 -8.84 16.93 -5.43
CA ILE D 137 -7.52 16.32 -5.40
C ILE D 137 -6.42 17.03 -4.65
N ILE D 138 -6.24 18.31 -4.90
CA ILE D 138 -5.08 19.03 -4.42
C ILE D 138 -5.09 19.13 -2.91
N PRO D 139 -6.35 19.40 -2.37
CA PRO D 139 -6.34 19.49 -0.91
C PRO D 139 -5.88 18.19 -0.34
N GLN D 140 -6.33 17.10 -0.92
CA GLN D 140 -5.96 15.79 -0.43
C GLN D 140 -4.50 15.43 -0.58
N ALA D 141 -3.92 15.79 -1.70
CA ALA D 141 -2.50 15.55 -1.90
C ALA D 141 -1.73 16.34 -0.88
N ILE D 142 -2.13 17.57 -0.65
CA ILE D 142 -1.43 18.36 0.37
C ILE D 142 -1.11 17.55 1.62
N LYS D 143 -2.10 16.85 2.14
CA LYS D 143 -1.88 16.04 3.34
C LYS D 143 -0.93 14.90 3.06
N ASN D 144 -0.77 14.56 1.78
CA ASN D 144 0.24 13.57 1.45
C ASN D 144 1.63 14.21 1.41
N ILE D 145 1.68 15.48 1.04
CA ILE D 145 2.95 16.12 0.72
C ILE D 145 3.63 16.74 1.93
N LEU D 146 2.86 17.45 2.76
CA LEU D 146 3.40 18.15 3.92
C LEU D 146 4.27 17.25 4.82
N PRO D 147 3.77 16.06 5.19
CA PRO D 147 4.69 15.28 6.03
C PRO D 147 5.95 14.81 5.30
N ALA D 148 5.90 14.72 3.98
CA ALA D 148 7.08 14.30 3.23
C ALA D 148 8.04 15.48 3.07
N LEU D 149 7.48 16.69 3.06
CA LEU D 149 8.28 17.89 3.02
C LEU D 149 9.05 18.02 4.34
N GLY D 150 8.34 17.86 5.46
CA GLY D 150 8.98 17.90 6.77
C GLY D 150 10.10 16.89 6.87
N ASN D 151 9.96 15.79 6.15
CA ASN D 151 10.98 14.77 6.13
C ASN D 151 12.15 15.16 5.22
N GLU D 152 11.85 15.93 4.19
CA GLU D 152 12.86 16.43 3.27
C GLU D 152 13.82 17.35 4.01
N PHE D 153 13.26 18.23 4.82
CA PHE D 153 14.01 19.07 5.76
C PHE D 153 14.97 18.26 6.64
N ILE D 154 14.44 17.31 7.40
CA ILE D 154 15.25 16.51 8.29
C ILE D 154 16.47 15.87 7.60
N VAL D 155 16.25 15.34 6.40
CA VAL D 155 17.32 14.75 5.60
C VAL D 155 18.32 15.84 5.16
N MET D 156 17.80 17.00 4.77
CA MET D 156 18.64 18.10 4.37
C MET D 156 19.54 18.59 5.51
N LEU D 157 19.08 18.46 6.75
CA LEU D 157 19.90 18.80 7.92
C LEU D 157 21.22 18.02 7.90
N LYS D 158 21.12 16.72 7.68
CA LYS D 158 22.31 15.91 7.55
C LYS D 158 23.07 16.31 6.29
N GLU D 159 22.34 16.52 5.20
CA GLU D 159 22.96 16.82 3.91
C GLU D 159 23.81 18.12 3.92
N SER D 160 23.37 19.11 4.70
CA SER D 160 24.00 20.43 4.71
C SER D 160 25.44 20.40 5.24
N ALA D 161 25.80 19.37 5.99
CA ALA D 161 27.17 19.23 6.50
C ALA D 161 28.21 19.24 5.38
N ILE D 162 27.77 19.12 4.13
CA ILE D 162 28.69 18.98 3.01
C ILE D 162 29.30 20.31 2.63
N VAL D 163 28.72 21.41 3.10
CA VAL D 163 29.26 22.72 2.78
C VAL D 163 30.44 23.05 3.69
N SER D 164 30.77 22.15 4.61
CA SER D 164 31.96 22.30 5.42
C SER D 164 33.16 22.29 4.49
N VAL D 165 33.16 21.38 3.52
CA VAL D 165 34.32 21.18 2.64
C VAL D 165 34.63 22.40 1.77
N ILE D 166 33.69 23.35 1.74
CA ILE D 166 33.75 24.55 0.91
C ILE D 166 34.30 25.68 1.79
N GLY D 167 34.44 25.36 3.07
CA GLY D 167 34.95 26.30 4.03
C GLY D 167 33.85 27.14 4.67
N PHE D 168 32.60 26.68 4.58
CA PHE D 168 31.51 27.37 5.27
C PHE D 168 31.48 26.94 6.73
N ALA D 169 31.22 27.88 7.63
CA ALA D 169 31.33 27.61 9.06
C ALA D 169 30.07 26.94 9.67
N ASP D 170 29.70 25.78 9.13
CA ASP D 170 28.54 25.06 9.65
C ASP D 170 28.93 24.33 10.93
N LEU D 171 28.11 23.36 11.35
CA LEU D 171 28.39 22.59 12.55
C LEU D 171 29.63 21.71 12.36
N THR D 172 29.77 21.11 11.18
CA THR D 172 30.84 20.13 10.94
C THR D 172 32.20 20.83 10.85
N ARG D 173 32.20 22.05 10.31
CA ARG D 173 33.40 22.85 10.16
C ARG D 173 34.06 23.16 11.51
N GLN D 174 33.24 23.27 12.56
CA GLN D 174 33.72 23.64 13.88
C GLN D 174 34.78 22.68 14.43
N ALA D 175 34.84 21.46 13.88
CA ALA D 175 35.84 20.49 14.34
C ALA D 175 37.23 20.76 13.74
N ASP D 176 37.27 21.37 12.56
CA ASP D 176 38.55 21.73 11.97
C ASP D 176 39.12 22.95 12.70
N ILE D 177 38.23 23.82 13.18
CA ILE D 177 38.65 25.00 13.91
C ILE D 177 39.18 24.62 15.30
N ILE D 178 38.43 23.80 16.01
CA ILE D 178 38.76 23.46 17.39
C ILE D 178 40.10 22.73 17.43
N GLN D 179 40.31 21.79 16.51
CA GLN D 179 41.54 21.01 16.52
C GLN D 179 42.73 21.94 16.31
N SER D 180 42.54 23.04 15.56
CA SER D 180 43.65 23.92 15.29
C SER D 180 44.22 24.52 16.58
N VAL D 181 43.43 24.51 17.65
CA VAL D 181 43.85 25.09 18.91
C VAL D 181 43.93 24.00 19.98
N THR D 182 43.59 22.76 19.61
CA THR D 182 43.54 21.69 20.60
C THR D 182 44.32 20.47 20.12
N TYR D 183 44.47 20.37 18.80
CA TYR D 183 45.06 19.21 18.12
C TYR D 183 44.17 17.97 18.25
N ARG D 184 42.94 18.17 18.74
CA ARG D 184 41.97 17.08 18.91
C ARG D 184 40.88 17.12 17.84
N TYR D 185 40.70 16.00 17.14
CA TYR D 185 39.68 15.89 16.10
C TYR D 185 38.51 15.05 16.62
N PHE D 186 38.86 13.98 17.34
CA PHE D 186 37.95 12.99 17.86
C PHE D 186 36.77 13.55 18.65
N GLU D 187 37.09 14.12 19.81
CA GLU D 187 36.06 14.64 20.71
C GLU D 187 35.11 15.67 20.08
N PRO D 188 35.64 16.63 19.32
CA PRO D 188 34.65 17.54 18.72
C PRO D 188 33.77 16.89 17.64
N TYR D 189 34.26 15.85 16.98
CA TYR D 189 33.45 15.15 16.00
C TYR D 189 32.36 14.35 16.70
N ILE D 190 32.71 13.56 17.72
CA ILE D 190 31.71 12.91 18.55
C ILE D 190 30.64 13.92 18.98
N ILE D 191 31.08 15.05 19.53
CA ILE D 191 30.15 16.09 19.98
C ILE D 191 29.24 16.58 18.86
N ILE D 192 29.83 16.81 17.70
CA ILE D 192 29.09 17.28 16.53
C ILE D 192 28.05 16.26 16.05
N ALA D 193 28.46 15.01 15.96
CA ALA D 193 27.57 13.94 15.57
C ALA D 193 26.42 13.89 16.56
N ALA D 194 26.72 14.10 17.84
CA ALA D 194 25.70 14.07 18.88
C ALA D 194 24.69 15.20 18.67
N ILE D 195 25.17 16.38 18.31
CA ILE D 195 24.27 17.49 18.06
C ILE D 195 23.37 17.16 16.86
N TYR D 196 23.95 16.53 15.84
CA TYR D 196 23.17 16.11 14.67
C TYR D 196 22.09 15.13 15.07
N PHE D 197 22.47 14.12 15.86
CA PHE D 197 21.55 13.09 16.34
C PHE D 197 20.38 13.68 17.09
N VAL D 198 20.68 14.55 18.06
CA VAL D 198 19.63 15.22 18.82
C VAL D 198 18.70 16.05 17.92
N MET D 199 19.28 16.77 16.96
CA MET D 199 18.45 17.51 15.99
C MET D 199 17.51 16.59 15.20
N THR D 200 18.07 15.46 14.74
CA THR D 200 17.33 14.50 13.97
C THR D 200 16.15 13.96 14.77
N LEU D 201 16.42 13.51 15.99
CA LEU D 201 15.38 12.98 16.87
C LEU D 201 14.30 14.02 17.15
N THR D 202 14.73 15.21 17.54
CA THR D 202 13.80 16.28 17.86
C THR D 202 12.85 16.60 16.71
N PHE D 203 13.40 16.80 15.51
CA PHE D 203 12.57 17.14 14.37
C PHE D 203 11.72 15.96 13.87
N SER D 204 12.21 14.73 14.09
CA SER D 204 11.46 13.53 13.73
C SER D 204 10.21 13.39 14.59
N LYS D 205 10.40 13.54 15.90
CA LYS D 205 9.28 13.45 16.83
C LYS D 205 8.30 14.59 16.56
N LEU D 206 8.82 15.78 16.29
CA LEU D 206 7.96 16.90 15.91
C LEU D 206 7.19 16.59 14.63
N LEU D 207 7.78 15.77 13.77
CA LEU D 207 7.16 15.42 12.51
C LEU D 207 6.04 14.41 12.67
N SER D 208 6.27 13.41 13.54
CA SER D 208 5.29 12.37 13.78
C SER D 208 4.11 12.91 14.59
N LEU D 209 4.38 13.89 15.44
CA LEU D 209 3.31 14.54 16.21
C LEU D 209 2.67 15.63 15.36
N PHE D 210 2.64 15.39 14.07
CA PHE D 210 2.08 16.30 13.09
C PHE D 210 1.38 15.47 12.02
N GLU D 211 1.78 14.20 11.94
CA GLU D 211 1.10 13.24 11.08
C GLU D 211 -0.07 12.64 11.84
N ARG D 212 -0.15 12.98 13.12
CA ARG D 212 -1.22 12.51 13.98
C ARG D 212 -2.12 13.68 14.34
N ARG D 213 -1.71 14.86 13.91
CA ARG D 213 -2.53 16.07 14.05
C ARG D 213 -3.12 16.34 12.66
N LEU D 214 -2.90 15.39 11.76
CA LEU D 214 -3.54 15.38 10.44
C LEU D 214 -4.48 14.19 10.32
N ARG D 215 -4.04 13.03 10.78
CA ARG D 215 -4.87 11.82 10.71
C ARG D 215 -5.85 11.78 11.88
N ARG E . 24.04 11.67 2.96
CA ARG E . 23.08 11.40 4.02
C ARG E . 23.75 11.37 5.40
O ARG E . 23.09 11.14 6.41
CB ARG E . 22.35 10.07 3.76
CG ARG E . 23.22 8.83 3.83
CD ARG E . 22.47 7.63 3.23
NE ARG E . 23.13 6.38 3.57
CZ ARG E . 22.85 5.21 2.99
NH1 ARG E . 23.50 4.11 3.37
NH2 ARG E . 21.93 5.14 2.05
OXT ARG E . 24.97 11.58 5.51
N ARG F . 23.34 12.72 -0.59
CA ARG F . 22.65 12.16 -1.75
C ARG F . 23.15 12.75 -3.07
O ARG F . 24.16 13.47 -3.09
CB ARG F . 21.15 12.38 -1.63
CG ARG F . 20.71 13.80 -1.69
CD ARG F . 19.26 13.91 -1.24
NE ARG F . 18.69 15.23 -1.52
CZ ARG F . 17.53 15.67 -1.02
NH1 ARG F . 16.82 14.89 -0.22
NH2 ARG F . 17.09 16.88 -1.34
OXT ARG F . 22.57 12.54 -4.13
#